data_4EB3
#
_entry.id   4EB3
#
_cell.length_a   70.580
_cell.length_b   80.820
_cell.length_c   113.050
_cell.angle_alpha   90.00
_cell.angle_beta   90.00
_cell.angle_gamma   90.00
#
_symmetry.space_group_name_H-M   'P 21 21 21'
#
loop_
_entity.id
_entity.type
_entity.pdbx_description
1 polymer '4-hydroxy-3-methylbut-2-enyl diphosphate reductase'
2 non-polymer 'IRON/SULFUR CLUSTER'
3 non-polymer '3-(hydroxymethyl)but-3-en-1-yl trihydrogen diphosphate'
4 water water
#
_entity_poly.entity_id   1
_entity_poly.type   'polypeptide(L)'
_entity_poly.pdbx_seq_one_letter_code
;MRGSHHHHHHGSMQILLANPRGFCAGVDRAISIVENALAIYGAPIYVRHEVVHNRYVVDSLRERGAIFIEQISEVPDGAI
LIFSAHGVSQAVRNEAKSRDLTVFDATCPLVTKVHMEVARASRRGEESILIGHAGHPEVEGTMGQYSNPEGGMYLVESPD
DVWKLTVKNEEKLSFMTQTTLSVDDTSDVIDALRKRFPKIVGPRKDDICYATTNRQEAVRALAEQAEVVLVVGSKNSSNS
NRLAELAQRMGKRAFLIDDAKDIQEEWVKEVKCVGVTAGASAPDILVQNVVARLQQLGGGEAIPLEGREENIVFEVPKEL
RVDIREV
;
_entity_poly.pdbx_strand_id   A,B
#
loop_
_chem_comp.id
_chem_comp.type
_chem_comp.name
_chem_comp.formula
0O3 non-polymer '3-(hydroxymethyl)but-3-en-1-yl trihydrogen diphosphate' 'C5 H12 O8 P2'
SF4 non-polymer 'IRON/SULFUR CLUSTER' 'Fe4 S4'
#
# COMPACT_ATOMS: atom_id res chain seq x y z
N MET A 13 22.51 -10.54 -31.62
CA MET A 13 21.25 -9.89 -31.06
C MET A 13 21.30 -9.84 -29.53
N GLN A 14 21.21 -8.62 -29.00
CA GLN A 14 21.22 -8.41 -27.57
C GLN A 14 19.77 -8.60 -27.08
N ILE A 15 19.61 -9.33 -25.98
CA ILE A 15 18.26 -9.51 -25.36
C ILE A 15 18.27 -8.70 -24.08
N LEU A 16 17.28 -7.80 -23.92
CA LEU A 16 17.21 -6.97 -22.69
C LEU A 16 15.93 -7.38 -21.98
N LEU A 17 15.95 -7.39 -20.66
CA LEU A 17 14.75 -7.64 -19.86
C LEU A 17 14.36 -6.44 -19.06
N ALA A 18 13.12 -6.06 -19.16
CA ALA A 18 12.60 -4.92 -18.37
C ALA A 18 12.56 -5.27 -16.88
N ASN A 19 12.65 -4.20 -16.11
CA ASN A 19 12.50 -4.24 -14.67
C ASN A 19 11.89 -3.09 -13.92
N PRO A 20 10.78 -3.30 -13.10
CA PRO A 20 10.14 -4.62 -12.86
C PRO A 20 9.30 -5.14 -14.03
N ARG A 21 9.01 -6.45 -13.97
CA ARG A 21 8.12 -7.14 -14.96
C ARG A 21 7.45 -8.26 -14.19
N GLY A 22 6.38 -8.83 -14.76
CA GLY A 22 5.82 -10.08 -14.17
C GLY A 22 5.01 -9.83 -12.94
N PHE A 23 4.83 -10.86 -12.11
CA PHE A 23 3.83 -10.84 -11.04
C PHE A 23 3.92 -9.66 -10.14
N CYS A 24 2.75 -9.08 -9.90
CA CYS A 24 2.51 -8.07 -8.86
C CYS A 24 2.08 -8.79 -7.54
N ALA A 25 1.88 -8.05 -6.45
CA ALA A 25 1.50 -8.62 -5.15
C ALA A 25 0.08 -9.16 -5.22
N GLY A 26 -0.83 -8.46 -5.88
CA GLY A 26 -2.26 -8.89 -5.92
C GLY A 26 -2.37 -10.25 -6.64
N VAL A 27 -1.66 -10.39 -7.76
CA VAL A 27 -1.73 -11.67 -8.53
C VAL A 27 -1.13 -12.80 -7.74
N ASP A 28 0.02 -12.56 -7.13
CA ASP A 28 0.62 -13.61 -6.32
C ASP A 28 -0.30 -14.11 -5.21
N ARG A 29 -0.94 -13.17 -4.52
CA ARG A 29 -1.91 -13.54 -3.51
C ARG A 29 -3.12 -14.33 -4.08
N ALA A 30 -3.68 -13.81 -5.20
CA ALA A 30 -4.90 -14.42 -5.78
C ALA A 30 -4.60 -15.86 -6.16
N ILE A 31 -3.42 -16.07 -6.80
CA ILE A 31 -3.05 -17.46 -7.21
C ILE A 31 -2.86 -18.33 -5.99
N SER A 32 -2.14 -17.84 -4.96
CA SER A 32 -2.02 -18.62 -3.71
C SER A 32 -3.34 -18.93 -3.00
N ILE A 33 -4.30 -18.00 -3.10
CA ILE A 33 -5.63 -18.22 -2.52
C ILE A 33 -6.26 -19.48 -3.18
N VAL A 34 -6.28 -19.54 -4.47
CA VAL A 34 -6.86 -20.69 -5.18
C VAL A 34 -6.00 -21.97 -4.97
N GLU A 35 -4.67 -21.88 -5.01
CA GLU A 35 -3.87 -23.08 -4.72
C GLU A 35 -4.10 -23.59 -3.30
N ASN A 36 -4.15 -22.71 -2.31
CA ASN A 36 -4.34 -23.19 -0.90
C ASN A 36 -5.75 -23.74 -0.62
N ALA A 37 -6.73 -23.19 -1.32
CA ALA A 37 -8.10 -23.68 -1.19
C ALA A 37 -8.15 -25.11 -1.67
N LEU A 38 -7.61 -25.32 -2.88
CA LEU A 38 -7.54 -26.66 -3.50
C LEU A 38 -6.78 -27.65 -2.57
N ALA A 39 -5.75 -27.16 -1.90
CA ALA A 39 -4.95 -27.98 -0.97
C ALA A 39 -5.66 -28.32 0.33
N ILE A 40 -6.43 -27.39 0.85
CA ILE A 40 -7.06 -27.53 2.16
C ILE A 40 -8.33 -28.34 2.00
N TYR A 41 -9.15 -27.93 1.04
CA TYR A 41 -10.48 -28.53 0.76
C TYR A 41 -10.56 -29.56 -0.37
N GLY A 42 -9.47 -29.81 -1.08
CA GLY A 42 -9.55 -30.70 -2.25
C GLY A 42 -10.35 -30.10 -3.42
N ALA A 43 -10.20 -30.69 -4.61
CA ALA A 43 -11.00 -30.32 -5.80
C ALA A 43 -12.47 -30.77 -5.73
N PRO A 44 -13.43 -30.06 -6.38
CA PRO A 44 -13.32 -28.85 -7.19
C PRO A 44 -13.45 -27.60 -6.33
N ILE A 45 -12.79 -26.54 -6.78
CA ILE A 45 -12.96 -25.21 -6.24
C ILE A 45 -13.48 -24.39 -7.40
N TYR A 46 -14.61 -23.75 -7.19
CA TYR A 46 -15.13 -22.89 -8.23
C TYR A 46 -14.51 -21.52 -8.16
N VAL A 47 -14.25 -20.90 -9.31
CA VAL A 47 -13.72 -19.56 -9.33
C VAL A 47 -14.54 -18.71 -10.32
N ARG A 48 -15.04 -17.59 -9.86
CA ARG A 48 -15.85 -16.75 -10.76
C ARG A 48 -14.95 -15.83 -11.66
N HIS A 49 -14.93 -16.06 -12.96
CA HIS A 49 -14.02 -15.38 -13.87
C HIS A 49 -12.62 -15.95 -13.67
N GLU A 50 -11.80 -15.88 -14.73
CA GLU A 50 -10.39 -16.20 -14.63
C GLU A 50 -9.81 -15.53 -13.43
N VAL A 51 -9.03 -16.26 -12.63
CA VAL A 51 -8.65 -15.68 -11.31
C VAL A 51 -7.78 -14.42 -11.54
N VAL A 52 -6.88 -14.52 -12.54
CA VAL A 52 -6.13 -13.42 -13.14
C VAL A 52 -6.19 -13.65 -14.63
N HIS A 53 -5.91 -12.63 -15.47
CA HIS A 53 -5.97 -12.77 -16.94
C HIS A 53 -4.66 -13.34 -17.53
N ASN A 54 -4.37 -14.59 -17.22
CA ASN A 54 -3.28 -15.29 -17.86
C ASN A 54 -3.70 -16.74 -18.20
N ARG A 55 -3.62 -17.08 -19.47
CA ARG A 55 -4.01 -18.39 -19.99
C ARG A 55 -3.23 -19.49 -19.30
N TYR A 56 -1.91 -19.32 -19.15
CA TYR A 56 -1.10 -20.37 -18.51
C TYR A 56 -1.45 -20.61 -17.00
N VAL A 57 -1.63 -19.54 -16.23
CA VAL A 57 -2.06 -19.60 -14.82
C VAL A 57 -3.47 -20.27 -14.70
N VAL A 58 -4.39 -19.85 -15.55
CA VAL A 58 -5.77 -20.39 -15.58
C VAL A 58 -5.73 -21.88 -15.98
N ASP A 59 -5.02 -22.22 -17.05
CA ASP A 59 -4.94 -23.66 -17.44
C ASP A 59 -4.27 -24.48 -16.33
N SER A 60 -3.20 -23.97 -15.71
CA SER A 60 -2.50 -24.71 -14.63
C SER A 60 -3.50 -25.09 -13.50
N LEU A 61 -4.31 -24.12 -13.13
CA LEU A 61 -5.26 -24.29 -12.07
C LEU A 61 -6.43 -25.18 -12.46
N ARG A 62 -6.91 -25.05 -13.69
CA ARG A 62 -8.02 -25.84 -14.17
C ARG A 62 -7.58 -27.30 -14.25
N GLU A 63 -6.31 -27.49 -14.58
CA GLU A 63 -5.78 -28.83 -14.77
C GLU A 63 -5.59 -29.44 -13.37
N ARG A 64 -5.42 -28.59 -12.35
CA ARG A 64 -5.52 -29.05 -10.96
C ARG A 64 -6.91 -29.04 -10.30
N GLY A 65 -7.98 -28.85 -11.06
CA GLY A 65 -9.30 -28.96 -10.44
C GLY A 65 -10.04 -27.70 -9.99
N ALA A 66 -9.47 -26.50 -10.24
CA ALA A 66 -10.28 -25.28 -10.14
C ALA A 66 -11.26 -25.31 -11.32
N ILE A 67 -12.51 -24.86 -11.15
CA ILE A 67 -13.41 -24.72 -12.28
C ILE A 67 -13.82 -23.23 -12.40
N PHE A 68 -13.59 -22.64 -13.56
CA PHE A 68 -13.80 -21.20 -13.77
C PHE A 68 -15.17 -20.99 -14.40
N ILE A 69 -16.01 -20.18 -13.76
CA ILE A 69 -17.38 -19.98 -14.29
C ILE A 69 -17.63 -18.48 -14.43
N GLU A 70 -18.74 -18.09 -15.09
CA GLU A 70 -18.98 -16.65 -15.21
C GLU A 70 -20.04 -16.12 -14.28
N GLN A 71 -21.01 -16.96 -13.98
CA GLN A 71 -22.16 -16.54 -13.12
C GLN A 71 -22.31 -17.50 -11.93
N ILE A 72 -22.81 -16.97 -10.81
CA ILE A 72 -23.01 -17.73 -9.55
C ILE A 72 -24.02 -18.87 -9.81
N SER A 73 -24.98 -18.62 -10.71
CA SER A 73 -25.93 -19.67 -11.07
C SER A 73 -25.26 -20.93 -11.64
N GLU A 74 -23.98 -20.87 -12.04
CA GLU A 74 -23.31 -22.09 -12.58
C GLU A 74 -22.72 -22.95 -11.46
N VAL A 75 -22.67 -22.40 -10.26
CA VAL A 75 -22.02 -23.03 -9.13
C VAL A 75 -23.07 -23.77 -8.36
N PRO A 76 -22.76 -25.03 -8.00
CA PRO A 76 -23.75 -25.87 -7.35
C PRO A 76 -23.81 -25.50 -5.88
N ASP A 77 -24.91 -25.88 -5.22
CA ASP A 77 -25.13 -25.63 -3.80
C ASP A 77 -24.04 -26.38 -3.02
N GLY A 78 -23.56 -25.87 -1.88
CA GLY A 78 -22.55 -26.63 -1.09
C GLY A 78 -21.08 -26.29 -1.48
N ALA A 79 -20.90 -25.61 -2.61
CA ALA A 79 -19.56 -25.48 -3.23
C ALA A 79 -18.76 -24.38 -2.53
N ILE A 80 -17.43 -24.36 -2.78
CA ILE A 80 -16.54 -23.27 -2.38
C ILE A 80 -16.34 -22.44 -3.61
N LEU A 81 -16.43 -21.13 -3.46
CA LEU A 81 -16.39 -20.23 -4.59
C LEU A 81 -15.33 -19.17 -4.27
N ILE A 82 -14.50 -18.84 -5.27
CA ILE A 82 -13.47 -17.73 -5.03
C ILE A 82 -13.77 -16.62 -6.01
N PHE A 83 -13.77 -15.33 -5.54
CA PHE A 83 -13.96 -14.22 -6.43
C PHE A 83 -12.61 -13.90 -7.01
N SER A 84 -12.55 -13.54 -8.28
CA SER A 84 -11.26 -13.20 -8.92
C SER A 84 -10.59 -11.93 -8.41
N ALA A 85 -9.32 -11.75 -8.80
CA ALA A 85 -8.45 -10.64 -8.33
C ALA A 85 -9.05 -9.31 -8.79
N HIS A 86 -9.84 -9.35 -9.87
CA HIS A 86 -10.46 -8.14 -10.43
C HIS A 86 -11.58 -7.61 -9.54
N GLY A 87 -12.13 -8.42 -8.64
CA GLY A 87 -13.22 -7.93 -7.76
C GLY A 87 -14.61 -8.14 -8.33
N VAL A 88 -15.65 -7.94 -7.50
CA VAL A 88 -17.02 -8.23 -7.96
C VAL A 88 -17.94 -7.17 -7.44
N SER A 89 -19.08 -7.02 -8.11
CA SER A 89 -20.09 -6.03 -7.67
C SER A 89 -20.74 -6.48 -6.38
N GLN A 90 -21.37 -5.53 -5.66
CA GLN A 90 -22.26 -5.89 -4.57
C GLN A 90 -23.32 -6.90 -4.97
N ALA A 91 -23.96 -6.74 -6.13
CA ALA A 91 -25.00 -7.68 -6.49
C ALA A 91 -24.42 -9.08 -6.55
N VAL A 92 -23.21 -9.25 -7.08
CA VAL A 92 -22.61 -10.58 -7.13
C VAL A 92 -22.33 -11.19 -5.73
N ARG A 93 -21.77 -10.36 -4.84
CA ARG A 93 -21.41 -10.78 -3.55
C ARG A 93 -22.67 -11.14 -2.83
N ASN A 94 -23.76 -10.38 -3.08
CA ASN A 94 -25.08 -10.73 -2.49
C ASN A 94 -25.71 -12.04 -3.01
N GLU A 95 -25.63 -12.31 -4.31
CA GLU A 95 -26.16 -13.55 -4.90
C GLU A 95 -25.42 -14.74 -4.32
N ALA A 96 -24.11 -14.58 -4.11
CA ALA A 96 -23.28 -15.62 -3.48
C ALA A 96 -23.70 -15.81 -2.03
N LYS A 97 -23.94 -14.68 -1.38
CA LYS A 97 -24.31 -14.66 0.03
C LYS A 97 -25.67 -15.33 0.27
N SER A 98 -26.67 -15.05 -0.56
CA SER A 98 -28.00 -15.68 -0.46
C SER A 98 -27.92 -17.15 -0.83
N ARG A 99 -26.86 -17.59 -1.50
CA ARG A 99 -26.73 -19.02 -1.86
C ARG A 99 -25.96 -19.80 -0.79
N ASP A 100 -25.96 -21.13 -0.96
CA ASP A 100 -25.46 -22.05 0.04
C ASP A 100 -23.95 -22.30 -0.13
N LEU A 101 -23.15 -21.22 -0.11
CA LEU A 101 -21.77 -21.29 -0.63
C LEU A 101 -20.72 -20.84 0.40
N THR A 102 -19.55 -21.47 0.42
CA THR A 102 -18.42 -20.93 1.13
C THR A 102 -17.62 -20.04 0.17
N VAL A 103 -17.43 -18.77 0.54
CA VAL A 103 -16.81 -17.83 -0.36
C VAL A 103 -15.43 -17.39 0.17
N PHE A 104 -14.38 -17.37 -0.69
CA PHE A 104 -13.07 -16.69 -0.34
C PHE A 104 -12.90 -15.59 -1.37
N ASP A 105 -12.38 -14.45 -0.94
CA ASP A 105 -12.34 -13.34 -1.88
C ASP A 105 -10.89 -13.10 -2.30
N ALA A 106 -10.55 -13.33 -3.58
CA ALA A 106 -9.19 -13.03 -4.04
C ALA A 106 -9.00 -11.60 -4.57
N THR A 107 -9.99 -10.69 -4.36
CA THR A 107 -9.90 -9.34 -4.95
C THR A 107 -8.61 -8.71 -4.46
N CYS A 108 -7.86 -8.05 -5.35
CA CYS A 108 -6.62 -7.37 -4.92
C CYS A 108 -6.97 -6.27 -3.95
N PRO A 109 -6.26 -6.16 -2.82
CA PRO A 109 -6.45 -5.06 -1.89
C PRO A 109 -6.53 -3.70 -2.54
N LEU A 110 -5.76 -3.47 -3.61
CA LEU A 110 -5.69 -2.17 -4.30
C LEU A 110 -6.95 -1.87 -5.11
N VAL A 111 -7.69 -2.92 -5.50
CA VAL A 111 -9.01 -2.79 -6.09
C VAL A 111 -10.04 -2.54 -4.98
N THR A 112 -9.98 -3.35 -3.94
CA THR A 112 -10.83 -3.09 -2.78
C THR A 112 -10.78 -1.63 -2.27
N LYS A 113 -9.60 -1.03 -2.26
CA LYS A 113 -9.43 0.37 -1.85
C LYS A 113 -10.33 1.32 -2.70
N VAL A 114 -10.38 1.08 -4.02
CA VAL A 114 -11.18 1.91 -4.86
C VAL A 114 -12.67 1.63 -4.52
N HIS A 115 -12.99 0.36 -4.31
CA HIS A 115 -14.41 -0.05 -4.01
C HIS A 115 -14.93 0.71 -2.79
N MET A 116 -14.07 0.82 -1.76
CA MET A 116 -14.50 1.43 -0.50
C MET A 116 -14.84 2.90 -0.81
N GLU A 117 -14.13 3.55 -1.74
CA GLU A 117 -14.39 4.95 -1.98
C GLU A 117 -15.68 5.12 -2.74
N VAL A 118 -15.92 4.24 -3.71
CA VAL A 118 -17.19 4.27 -4.44
C VAL A 118 -18.36 4.09 -3.43
N ALA A 119 -18.23 3.13 -2.55
CA ALA A 119 -19.29 2.80 -1.57
C ALA A 119 -19.56 4.02 -0.65
N ARG A 120 -18.48 4.71 -0.26
CA ARG A 120 -18.59 5.92 0.55
C ARG A 120 -19.38 7.01 -0.18
N ALA A 121 -19.11 7.20 -1.48
CA ALA A 121 -19.81 8.20 -2.27
C ALA A 121 -21.31 7.84 -2.41
N SER A 122 -21.59 6.54 -2.61
CA SER A 122 -22.94 6.03 -2.75
C SER A 122 -23.75 6.37 -1.50
N ARG A 123 -23.21 6.00 -0.33
CA ARG A 123 -23.82 6.35 0.99
C ARG A 123 -24.10 7.85 1.09
N ARG A 124 -23.27 8.66 0.45
CA ARG A 124 -23.40 10.12 0.64
C ARG A 124 -24.43 10.74 -0.32
N GLY A 125 -25.02 9.90 -1.18
CA GLY A 125 -25.74 10.36 -2.36
C GLY A 125 -24.97 11.29 -3.30
N GLU A 126 -23.63 11.23 -3.34
CA GLU A 126 -22.85 12.15 -4.14
C GLU A 126 -22.39 11.46 -5.40
N GLU A 127 -22.46 12.13 -6.56
CA GLU A 127 -22.17 11.43 -7.83
C GLU A 127 -20.68 11.11 -7.97
N SER A 128 -20.37 10.00 -8.67
CA SER A 128 -19.00 9.58 -8.91
C SER A 128 -18.79 9.24 -10.39
N ILE A 129 -17.56 9.43 -10.84
CA ILE A 129 -17.19 9.15 -12.23
C ILE A 129 -16.00 8.18 -12.14
N LEU A 130 -16.12 7.02 -12.79
CA LEU A 130 -14.97 6.12 -12.92
C LEU A 130 -14.29 6.31 -14.28
N ILE A 131 -12.97 6.41 -14.30
CA ILE A 131 -12.21 6.31 -15.62
C ILE A 131 -11.82 4.85 -15.82
N GLY A 132 -12.22 4.26 -16.96
CA GLY A 132 -11.91 2.86 -17.08
C GLY A 132 -12.46 2.40 -18.38
N HIS A 133 -12.32 1.11 -18.65
CA HIS A 133 -12.74 0.60 -19.97
C HIS A 133 -14.02 -0.18 -19.82
N ALA A 134 -15.09 0.24 -20.51
CA ALA A 134 -16.35 -0.52 -20.55
C ALA A 134 -16.23 -2.06 -20.73
N GLY A 135 -16.91 -2.82 -19.87
CA GLY A 135 -16.95 -4.26 -20.01
C GLY A 135 -15.84 -5.00 -19.29
N HIS A 136 -14.80 -4.31 -18.80
CA HIS A 136 -13.75 -4.97 -18.04
C HIS A 136 -14.32 -5.43 -16.72
N PRO A 137 -13.93 -6.63 -16.19
CA PRO A 137 -14.59 -7.04 -14.95
C PRO A 137 -14.27 -6.12 -13.75
N GLU A 138 -13.08 -5.47 -13.77
CA GLU A 138 -12.78 -4.60 -12.69
C GLU A 138 -13.79 -3.44 -12.68
N VAL A 139 -14.08 -2.92 -13.86
CA VAL A 139 -15.03 -1.79 -14.02
C VAL A 139 -16.43 -2.25 -13.54
N GLU A 140 -16.84 -3.45 -13.95
CA GLU A 140 -18.17 -3.96 -13.49
C GLU A 140 -18.21 -4.09 -11.98
N GLY A 141 -17.14 -4.62 -11.37
CA GLY A 141 -17.10 -4.65 -9.89
C GLY A 141 -17.13 -3.32 -9.18
N THR A 142 -16.33 -2.35 -9.64
CA THR A 142 -16.24 -1.06 -9.02
C THR A 142 -17.50 -0.23 -9.29
N MET A 143 -18.00 -0.20 -10.54
CA MET A 143 -19.32 0.47 -10.78
C MET A 143 -20.38 -0.16 -9.88
N GLY A 144 -20.27 -1.48 -9.66
CA GLY A 144 -21.31 -2.17 -8.90
C GLY A 144 -21.20 -2.02 -7.38
N GLN A 145 -20.33 -1.12 -6.93
CA GLN A 145 -20.34 -0.69 -5.53
C GLN A 145 -21.28 0.49 -5.34
N TYR A 146 -21.75 1.08 -6.42
CA TYR A 146 -22.64 2.28 -6.27
C TYR A 146 -24.10 1.86 -6.34
N SER A 147 -24.93 2.21 -5.36
CA SER A 147 -26.36 1.88 -5.50
C SER A 147 -27.34 3.02 -5.17
N ASN A 148 -26.87 4.08 -4.52
CA ASN A 148 -27.74 5.21 -4.21
C ASN A 148 -28.39 5.84 -5.44
N PRO A 149 -29.68 5.54 -5.66
CA PRO A 149 -30.49 6.10 -6.78
C PRO A 149 -30.53 7.62 -6.79
N GLU A 150 -30.23 8.23 -5.65
CA GLU A 150 -30.21 9.69 -5.50
C GLU A 150 -28.96 10.42 -6.02
N GLY A 151 -27.82 9.72 -6.14
CA GLY A 151 -26.69 10.29 -6.88
C GLY A 151 -26.56 9.61 -8.26
N GLY A 152 -25.35 9.14 -8.60
CA GLY A 152 -25.15 8.49 -9.90
C GLY A 152 -23.71 8.03 -10.04
N MET A 153 -23.45 7.20 -11.03
CA MET A 153 -22.11 6.56 -11.19
C MET A 153 -21.94 6.46 -12.68
N TYR A 154 -20.94 7.15 -13.24
CA TYR A 154 -20.82 7.33 -14.65
C TYR A 154 -19.45 6.77 -15.06
N LEU A 155 -19.35 6.17 -16.24
CA LEU A 155 -18.04 5.64 -16.69
C LEU A 155 -17.55 6.57 -17.80
N VAL A 156 -16.28 7.04 -17.76
CA VAL A 156 -15.70 7.73 -18.93
C VAL A 156 -14.40 6.99 -19.31
N GLU A 157 -14.14 6.87 -20.62
CA GLU A 157 -12.89 6.32 -21.10
C GLU A 157 -11.92 7.36 -21.65
N SER A 158 -12.37 8.53 -22.09
CA SER A 158 -11.49 9.40 -22.86
C SER A 158 -11.96 10.88 -22.59
N PRO A 159 -11.12 11.88 -22.97
CA PRO A 159 -11.59 13.26 -22.87
C PRO A 159 -12.95 13.42 -23.56
N ASP A 160 -13.10 12.83 -24.77
CA ASP A 160 -14.41 13.05 -25.50
C ASP A 160 -15.59 12.58 -24.67
N ASP A 161 -15.45 11.52 -23.89
CA ASP A 161 -16.54 11.08 -23.04
C ASP A 161 -16.83 12.13 -21.98
N VAL A 162 -15.76 12.76 -21.42
CA VAL A 162 -15.95 13.79 -20.40
C VAL A 162 -16.78 14.97 -20.99
N TRP A 163 -16.42 15.35 -22.23
CA TRP A 163 -17.02 16.52 -22.90
C TRP A 163 -18.52 16.28 -23.14
N LYS A 164 -18.93 15.02 -23.19
CA LYS A 164 -20.39 14.75 -23.28
C LYS A 164 -21.14 14.42 -22.03
N LEU A 165 -20.46 14.28 -20.90
CA LEU A 165 -21.13 13.84 -19.69
C LEU A 165 -21.94 15.02 -19.12
N THR A 166 -23.14 14.76 -18.61
CA THR A 166 -23.82 15.76 -17.76
C THR A 166 -24.18 15.07 -16.45
N VAL A 167 -24.07 15.77 -15.34
CA VAL A 167 -24.34 15.15 -14.07
C VAL A 167 -25.38 16.01 -13.39
N LYS A 168 -25.98 15.49 -12.34
CA LYS A 168 -27.02 16.18 -11.59
C LYS A 168 -26.54 17.31 -10.70
N ASN A 169 -25.44 17.09 -10.02
CA ASN A 169 -24.89 18.10 -9.17
C ASN A 169 -23.37 18.17 -9.24
N GLU A 170 -22.88 19.13 -10.01
CA GLU A 170 -21.47 19.18 -10.30
C GLU A 170 -20.62 19.79 -9.15
N GLU A 171 -21.31 20.32 -8.13
CA GLU A 171 -20.62 20.83 -6.90
C GLU A 171 -20.22 19.70 -5.96
N LYS A 172 -20.91 18.57 -6.08
CA LYS A 172 -20.66 17.35 -5.24
C LYS A 172 -20.28 16.15 -6.12
N LEU A 173 -19.01 16.06 -6.51
CA LEU A 173 -18.63 15.07 -7.54
C LEU A 173 -17.27 14.54 -7.21
N SER A 174 -17.08 13.24 -7.35
CA SER A 174 -15.73 12.76 -7.19
C SER A 174 -15.42 11.75 -8.32
N PHE A 175 -14.14 11.42 -8.47
CA PHE A 175 -13.72 10.46 -9.52
C PHE A 175 -12.82 9.38 -8.94
N MET A 176 -12.85 8.22 -9.60
CA MET A 176 -11.99 7.07 -9.28
C MET A 176 -11.45 6.51 -10.61
N THR A 177 -10.47 5.60 -10.51
CA THR A 177 -9.93 5.01 -11.75
C THR A 177 -9.74 3.52 -11.59
N GLN A 178 -9.76 2.84 -12.76
CA GLN A 178 -9.33 1.48 -12.86
C GLN A 178 -7.83 1.45 -12.52
N THR A 179 -7.40 0.31 -11.97
CA THR A 179 -6.02 0.15 -11.44
C THR A 179 -4.95 -0.08 -12.57
N THR A 180 -5.36 -0.49 -13.77
CA THR A 180 -4.40 -0.96 -14.77
C THR A 180 -4.35 -0.12 -16.03
N LEU A 181 -4.73 1.15 -15.95
CA LEU A 181 -4.79 2.00 -17.15
C LEU A 181 -3.41 2.53 -17.55
N SER A 182 -3.32 3.07 -18.78
CA SER A 182 -2.20 4.00 -19.19
C SER A 182 -2.12 5.21 -18.22
N VAL A 183 -0.96 5.40 -17.60
CA VAL A 183 -0.76 6.53 -16.68
C VAL A 183 -0.96 7.80 -17.54
N ASP A 184 -0.33 7.85 -18.72
CA ASP A 184 -0.41 9.04 -19.56
C ASP A 184 -1.83 9.34 -20.08
N ASP A 185 -2.52 8.35 -20.62
CA ASP A 185 -3.94 8.60 -21.10
C ASP A 185 -4.88 9.04 -19.95
N THR A 186 -4.71 8.43 -18.79
CA THR A 186 -5.53 8.75 -17.64
C THR A 186 -5.31 10.19 -17.18
N SER A 187 -4.05 10.63 -17.23
CA SER A 187 -3.68 12.03 -16.92
C SER A 187 -4.49 12.97 -17.85
N ASP A 188 -4.55 12.62 -19.16
CA ASP A 188 -5.33 13.45 -20.09
C ASP A 188 -6.81 13.52 -19.68
N VAL A 189 -7.37 12.39 -19.24
CA VAL A 189 -8.80 12.32 -18.93
C VAL A 189 -9.03 13.16 -17.63
N ILE A 190 -8.16 13.02 -16.65
CA ILE A 190 -8.33 13.81 -15.42
C ILE A 190 -8.26 15.32 -15.76
N ASP A 191 -7.29 15.73 -16.62
CA ASP A 191 -7.18 17.17 -16.98
C ASP A 191 -8.51 17.63 -17.58
N ALA A 192 -9.09 16.82 -18.48
CA ALA A 192 -10.44 17.10 -18.98
C ALA A 192 -11.48 17.18 -17.87
N LEU A 193 -11.53 16.16 -16.98
CA LEU A 193 -12.52 16.22 -15.87
C LEU A 193 -12.43 17.53 -15.03
N ARG A 194 -11.20 17.94 -14.73
CA ARG A 194 -11.02 19.13 -13.89
C ARG A 194 -11.39 20.40 -14.64
N LYS A 195 -11.18 20.45 -15.95
CA LYS A 195 -11.62 21.63 -16.72
C LYS A 195 -13.12 21.68 -16.83
N ARG A 196 -13.75 20.52 -17.03
CA ARG A 196 -15.23 20.49 -17.14
C ARG A 196 -15.96 20.65 -15.80
N PHE A 197 -15.38 20.11 -14.73
CA PHE A 197 -16.00 20.07 -13.42
C PHE A 197 -15.01 20.61 -12.38
N PRO A 198 -14.89 21.92 -12.30
CA PRO A 198 -13.79 22.45 -11.44
C PRO A 198 -13.83 22.03 -10.01
N LYS A 199 -15.01 21.64 -9.47
CA LYS A 199 -15.06 21.26 -8.01
C LYS A 199 -14.94 19.75 -7.78
N ILE A 200 -14.64 18.99 -8.84
CA ILE A 200 -14.49 17.52 -8.71
C ILE A 200 -13.33 17.20 -7.76
N VAL A 201 -13.57 16.20 -6.92
CA VAL A 201 -12.62 15.75 -5.94
C VAL A 201 -12.07 14.36 -6.34
N GLY A 202 -10.81 14.08 -6.06
CA GLY A 202 -10.23 12.75 -6.43
C GLY A 202 -9.05 12.49 -5.53
N PRO A 203 -8.35 11.37 -5.73
CA PRO A 203 -7.06 11.12 -5.06
C PRO A 203 -5.97 12.13 -5.57
N ARG A 204 -4.76 12.15 -5.04
CA ARG A 204 -3.83 13.17 -5.53
C ARG A 204 -3.56 13.05 -7.06
N LYS A 205 -3.48 11.83 -7.58
CA LYS A 205 -3.12 11.62 -9.01
C LYS A 205 -4.18 10.66 -9.64
N ASP A 206 -4.21 9.38 -9.25
CA ASP A 206 -5.27 8.50 -9.77
C ASP A 206 -5.28 7.24 -8.85
N ASP A 207 -5.96 6.18 -9.27
CA ASP A 207 -5.96 4.92 -8.52
C ASP A 207 -5.18 3.86 -9.27
N ILE A 208 -4.40 4.27 -10.27
CA ILE A 208 -3.46 3.32 -10.95
C ILE A 208 -2.51 2.72 -9.97
N CYS A 209 -2.37 1.38 -9.93
CA CYS A 209 -1.61 0.79 -8.82
C CYS A 209 -0.11 0.94 -9.09
N TYR A 210 0.64 0.67 -8.05
CA TYR A 210 2.12 0.82 -8.08
C TYR A 210 2.70 -0.14 -9.22
N ALA A 211 2.10 -1.34 -9.39
CA ALA A 211 2.70 -2.34 -10.27
C ALA A 211 2.53 -1.83 -11.71
N THR A 212 1.35 -1.25 -11.99
CA THR A 212 1.01 -0.76 -13.36
C THR A 212 1.90 0.44 -13.66
N THR A 213 2.04 1.33 -12.72
CA THR A 213 2.93 2.52 -12.94
C THR A 213 4.38 2.04 -13.21
N ASN A 214 4.85 1.12 -12.37
CA ASN A 214 6.30 0.73 -12.44
C ASN A 214 6.58 -0.04 -13.74
N ARG A 215 5.64 -0.89 -14.17
CA ARG A 215 5.88 -1.69 -15.41
C ARG A 215 5.81 -0.81 -16.65
N GLN A 216 4.93 0.20 -16.63
CA GLN A 216 4.97 1.25 -17.65
C GLN A 216 6.28 2.03 -17.66
N GLU A 217 6.70 2.52 -16.52
CA GLU A 217 8.03 3.19 -16.43
C GLU A 217 9.16 2.25 -16.95
N ALA A 218 9.12 0.99 -16.55
CA ALA A 218 10.14 0.03 -17.03
C ALA A 218 10.10 -0.25 -18.54
N VAL A 219 8.91 -0.31 -19.12
CA VAL A 219 8.85 -0.62 -20.53
C VAL A 219 9.25 0.63 -21.31
N ARG A 220 8.94 1.83 -20.79
CA ARG A 220 9.49 3.06 -21.37
C ARG A 220 11.05 2.98 -21.45
N ALA A 221 11.68 2.55 -20.38
CA ALA A 221 13.20 2.53 -20.39
C ALA A 221 13.69 1.45 -21.38
N LEU A 222 12.93 0.35 -21.46
CA LEU A 222 13.26 -0.78 -22.30
C LEU A 222 13.19 -0.35 -23.77
N ALA A 223 12.07 0.28 -24.11
CA ALA A 223 11.79 0.72 -25.49
C ALA A 223 12.80 1.77 -25.93
N GLU A 224 13.38 2.51 -24.99
CA GLU A 224 14.43 3.45 -25.36
C GLU A 224 15.63 2.74 -25.95
N GLN A 225 15.87 1.50 -25.53
CA GLN A 225 17.04 0.79 -25.98
C GLN A 225 16.78 -0.25 -27.06
N ALA A 226 15.57 -0.80 -27.08
CA ALA A 226 15.29 -1.96 -27.95
C ALA A 226 14.56 -1.53 -29.16
N GLU A 227 14.80 -2.21 -30.28
CA GLU A 227 14.07 -1.94 -31.54
C GLU A 227 12.74 -2.67 -31.54
N VAL A 228 12.72 -3.85 -30.92
CA VAL A 228 11.47 -4.60 -30.86
C VAL A 228 11.20 -4.94 -29.41
N VAL A 229 9.92 -4.88 -29.00
CA VAL A 229 9.54 -5.28 -27.63
C VAL A 229 8.55 -6.44 -27.61
N LEU A 230 8.83 -7.52 -26.89
CA LEU A 230 7.81 -8.57 -26.74
C LEU A 230 7.24 -8.45 -25.33
N VAL A 231 5.91 -8.44 -25.21
CA VAL A 231 5.27 -8.32 -23.90
C VAL A 231 4.61 -9.61 -23.60
N VAL A 232 5.12 -10.33 -22.58
CA VAL A 232 4.45 -11.64 -22.27
C VAL A 232 3.17 -11.38 -21.50
N GLY A 233 2.00 -11.78 -22.05
CA GLY A 233 0.73 -11.53 -21.37
C GLY A 233 -0.41 -11.98 -22.30
N SER A 234 -1.55 -12.35 -21.73
CA SER A 234 -2.73 -12.78 -22.48
C SER A 234 -3.48 -11.62 -23.15
N LYS A 235 -4.28 -11.95 -24.19
CA LYS A 235 -5.03 -10.89 -24.95
C LYS A 235 -5.97 -10.10 -24.11
N ASN A 236 -6.57 -10.73 -23.10
CA ASN A 236 -7.54 -10.08 -22.28
C ASN A 236 -6.87 -9.42 -21.07
N SER A 237 -5.53 -9.35 -21.03
CA SER A 237 -4.86 -8.66 -19.86
C SER A 237 -4.78 -7.18 -20.18
N SER A 238 -5.61 -6.40 -19.52
CA SER A 238 -5.57 -4.98 -19.69
C SER A 238 -4.18 -4.34 -19.44
N ASN A 239 -3.56 -4.64 -18.30
CA ASN A 239 -2.24 -4.04 -18.04
C ASN A 239 -1.19 -4.48 -19.10
N SER A 240 -1.23 -5.75 -19.54
CA SER A 240 -0.24 -6.14 -20.55
C SER A 240 -0.42 -5.34 -21.85
N ASN A 241 -1.67 -5.12 -22.26
CA ASN A 241 -1.97 -4.39 -23.52
C ASN A 241 -1.39 -2.98 -23.42
N ARG A 242 -1.47 -2.36 -22.23
CA ARG A 242 -0.91 -0.99 -22.01
C ARG A 242 0.61 -0.96 -22.20
N LEU A 243 1.30 -2.02 -21.82
CA LEU A 243 2.76 -2.13 -22.03
C LEU A 243 3.11 -2.17 -23.51
N ALA A 244 2.39 -2.97 -24.27
CA ALA A 244 2.68 -3.06 -25.71
C ALA A 244 2.40 -1.72 -26.41
N GLU A 245 1.26 -1.16 -26.05
CA GLU A 245 0.85 0.12 -26.62
C GLU A 245 1.89 1.18 -26.40
N LEU A 246 2.35 1.27 -25.17
CA LEU A 246 3.36 2.27 -24.78
C LEU A 246 4.57 2.20 -25.74
N ALA A 247 5.12 1.01 -25.88
CA ALA A 247 6.27 0.77 -26.76
C ALA A 247 5.99 1.13 -28.23
N GLN A 248 4.78 0.77 -28.71
CA GLN A 248 4.35 1.08 -30.07
C GLN A 248 4.26 2.58 -30.28
N ARG A 249 3.68 3.27 -29.32
CA ARG A 249 3.65 4.71 -29.41
C ARG A 249 5.05 5.39 -29.42
N MET A 250 6.04 4.74 -28.84
CA MET A 250 7.43 5.22 -28.96
C MET A 250 8.05 4.76 -30.30
N GLY A 251 7.25 4.12 -31.16
CA GLY A 251 7.67 3.79 -32.49
C GLY A 251 8.47 2.49 -32.62
N LYS A 252 8.33 1.61 -31.65
CA LYS A 252 9.01 0.33 -31.66
C LYS A 252 7.94 -0.67 -32.12
N ARG A 253 8.30 -1.71 -32.83
CA ARG A 253 7.35 -2.79 -33.06
C ARG A 253 7.17 -3.46 -31.69
N ALA A 254 5.94 -3.80 -31.30
CA ALA A 254 5.73 -4.45 -30.03
C ALA A 254 4.67 -5.50 -30.19
N PHE A 255 4.90 -6.66 -29.60
CA PHE A 255 3.97 -7.76 -29.74
C PHE A 255 3.52 -8.33 -28.40
N LEU A 256 2.24 -8.61 -28.25
CA LEU A 256 1.74 -9.20 -27.02
C LEU A 256 1.68 -10.76 -27.24
N ILE A 257 2.31 -11.61 -26.41
CA ILE A 257 2.42 -13.03 -26.77
C ILE A 257 2.15 -13.83 -25.46
N ASP A 258 1.49 -14.98 -25.59
CA ASP A 258 1.21 -15.82 -24.44
C ASP A 258 2.39 -16.66 -24.10
N ASP A 259 3.05 -17.14 -25.13
CA ASP A 259 4.28 -17.91 -24.94
C ASP A 259 5.24 -17.90 -26.14
N ALA A 260 6.36 -18.61 -25.97
CA ALA A 260 7.45 -18.62 -26.95
C ALA A 260 6.98 -19.08 -28.35
N LYS A 261 5.99 -19.98 -28.43
CA LYS A 261 5.45 -20.46 -29.73
C LYS A 261 4.86 -19.33 -30.61
N ASP A 262 4.47 -18.19 -30.01
CA ASP A 262 3.86 -17.07 -30.75
C ASP A 262 4.88 -16.22 -31.51
N ILE A 263 6.15 -16.34 -31.13
CA ILE A 263 7.20 -15.53 -31.72
C ILE A 263 7.36 -15.92 -33.21
N GLN A 264 7.18 -14.93 -34.08
CA GLN A 264 7.44 -15.10 -35.51
C GLN A 264 8.86 -14.66 -35.80
N GLU A 265 9.58 -15.51 -36.53
CA GLU A 265 10.96 -15.23 -36.89
C GLU A 265 11.16 -13.86 -37.56
N GLU A 266 10.25 -13.47 -38.45
CA GLU A 266 10.35 -12.18 -39.14
C GLU A 266 10.43 -11.04 -38.12
N TRP A 267 9.77 -11.19 -36.96
CA TRP A 267 9.74 -10.09 -35.98
C TRP A 267 11.08 -9.71 -35.51
N VAL A 268 12.05 -10.64 -35.58
CA VAL A 268 13.37 -10.38 -34.99
C VAL A 268 14.52 -10.55 -35.95
N LYS A 269 14.25 -10.93 -37.20
CA LYS A 269 15.25 -10.96 -38.27
C LYS A 269 16.00 -9.61 -38.36
N GLU A 270 17.32 -9.66 -38.28
CA GLU A 270 18.19 -8.47 -38.48
C GLU A 270 17.97 -7.39 -37.42
N VAL A 271 17.35 -7.81 -36.31
CA VAL A 271 17.21 -6.93 -35.18
C VAL A 271 18.45 -7.05 -34.32
N LYS A 272 19.02 -5.91 -33.92
CA LYS A 272 20.22 -5.92 -33.06
C LYS A 272 19.92 -5.91 -31.56
N CYS A 273 18.74 -5.40 -31.16
CA CYS A 273 18.36 -5.36 -29.75
C CYS A 273 16.90 -5.65 -29.58
N VAL A 274 16.56 -6.72 -28.90
CA VAL A 274 15.15 -7.06 -28.61
C VAL A 274 14.92 -6.91 -27.12
N GLY A 275 13.81 -6.29 -26.72
CA GLY A 275 13.43 -6.20 -25.30
C GLY A 275 12.30 -7.17 -24.92
N VAL A 276 12.35 -7.70 -23.70
CA VAL A 276 11.23 -8.59 -23.25
C VAL A 276 10.71 -8.05 -21.90
N THR A 277 9.40 -7.95 -21.77
CA THR A 277 8.80 -7.64 -20.47
C THR A 277 7.61 -8.59 -20.26
N ALA A 278 6.89 -8.45 -19.16
CA ALA A 278 5.82 -9.38 -18.80
C ALA A 278 4.86 -8.54 -18.00
N GLY A 279 3.59 -8.72 -18.30
CA GLY A 279 2.53 -8.04 -17.53
C GLY A 279 2.40 -8.66 -16.10
N ALA A 280 1.55 -8.03 -15.24
CA ALA A 280 1.48 -8.33 -13.80
C ALA A 280 0.89 -9.75 -13.54
N SER A 281 0.28 -10.37 -14.58
CA SER A 281 -0.35 -11.72 -14.41
C SER A 281 0.45 -12.83 -15.07
N ALA A 282 1.62 -12.50 -15.61
CA ALA A 282 2.37 -13.49 -16.41
C ALA A 282 3.52 -14.14 -15.64
N PRO A 283 3.47 -15.45 -15.44
CA PRO A 283 4.58 -16.11 -14.61
C PRO A 283 5.96 -16.06 -15.28
N ASP A 284 6.98 -16.06 -14.47
CA ASP A 284 8.36 -15.88 -14.98
C ASP A 284 8.80 -17.06 -15.88
N ILE A 285 8.27 -18.27 -15.64
CA ILE A 285 8.63 -19.41 -16.53
C ILE A 285 8.32 -19.10 -18.04
N LEU A 286 7.25 -18.33 -18.29
CA LEU A 286 6.96 -17.97 -19.67
C LEU A 286 8.03 -17.05 -20.23
N VAL A 287 8.57 -16.14 -19.43
CA VAL A 287 9.62 -15.23 -19.89
C VAL A 287 10.87 -16.09 -20.16
N GLN A 288 11.19 -17.01 -19.24
CA GLN A 288 12.37 -17.88 -19.46
C GLN A 288 12.30 -18.63 -20.78
N ASN A 289 11.12 -19.18 -21.12
CA ASN A 289 10.93 -19.84 -22.39
C ASN A 289 10.99 -18.93 -23.60
N VAL A 290 10.53 -17.70 -23.42
CA VAL A 290 10.69 -16.70 -24.47
C VAL A 290 12.15 -16.39 -24.71
N VAL A 291 12.89 -16.28 -23.63
CA VAL A 291 14.32 -15.96 -23.78
C VAL A 291 14.98 -17.14 -24.52
N ALA A 292 14.53 -18.34 -24.24
CA ALA A 292 15.22 -19.50 -24.76
C ALA A 292 15.03 -19.53 -26.28
N ARG A 293 13.83 -19.16 -26.72
CA ARG A 293 13.45 -19.07 -28.11
C ARG A 293 14.23 -17.93 -28.81
N LEU A 294 14.31 -16.77 -28.16
CA LEU A 294 15.10 -15.66 -28.74
C LEU A 294 16.59 -16.10 -28.97
N GLN A 295 17.04 -16.99 -28.10
CA GLN A 295 18.44 -17.42 -28.10
C GLN A 295 18.61 -18.35 -29.28
N GLN A 296 17.66 -19.23 -29.48
CA GLN A 296 17.66 -20.05 -30.69
C GLN A 296 17.68 -19.25 -31.97
N LEU A 297 17.07 -18.08 -31.94
CA LEU A 297 17.01 -17.20 -33.09
C LEU A 297 18.16 -16.24 -33.06
N GLY A 298 19.19 -16.51 -32.27
CA GLY A 298 20.42 -15.75 -32.39
C GLY A 298 20.76 -14.80 -31.30
N GLY A 299 19.91 -14.67 -30.27
CA GLY A 299 20.21 -13.74 -29.20
C GLY A 299 21.23 -14.31 -28.21
N GLY A 300 21.81 -13.45 -27.37
CA GLY A 300 22.78 -13.91 -26.36
C GLY A 300 22.22 -13.95 -24.95
N GLU A 301 23.09 -13.77 -23.96
CA GLU A 301 22.65 -13.82 -22.56
C GLU A 301 21.62 -12.71 -22.33
N ALA A 302 20.53 -13.01 -21.65
CA ALA A 302 19.53 -11.94 -21.43
C ALA A 302 20.13 -11.03 -20.38
N ILE A 303 20.13 -9.72 -20.63
CA ILE A 303 20.62 -8.74 -19.66
C ILE A 303 19.41 -8.04 -19.02
N PRO A 304 19.31 -8.03 -17.66
CA PRO A 304 18.24 -7.29 -17.01
C PRO A 304 18.57 -5.80 -16.87
N LEU A 305 17.63 -4.95 -17.23
CA LEU A 305 17.83 -3.54 -16.91
C LEU A 305 17.75 -3.27 -15.40
N GLU A 306 18.41 -2.21 -14.95
CA GLU A 306 18.29 -1.80 -13.54
C GLU A 306 16.90 -1.24 -13.37
N GLY A 307 16.24 -1.47 -12.25
CA GLY A 307 14.87 -0.99 -12.09
C GLY A 307 14.44 -0.61 -10.72
N ARG A 308 13.32 0.09 -10.65
CA ARG A 308 12.70 0.46 -9.39
C ARG A 308 12.42 -0.82 -8.58
N GLU A 309 12.77 -0.78 -7.31
CA GLU A 309 12.62 -1.89 -6.38
C GLU A 309 11.14 -2.01 -6.04
N GLU A 310 10.60 -3.22 -6.05
CA GLU A 310 9.24 -3.48 -5.51
C GLU A 310 9.39 -4.28 -4.22
N ASN A 311 8.69 -3.91 -3.16
CA ASN A 311 8.87 -4.64 -1.88
C ASN A 311 7.52 -5.07 -1.23
N ILE A 312 6.39 -4.84 -1.92
CA ILE A 312 5.11 -5.09 -1.26
C ILE A 312 4.63 -6.54 -1.49
N VAL A 313 4.19 -7.19 -0.43
CA VAL A 313 3.61 -8.54 -0.44
C VAL A 313 2.23 -8.44 0.24
N PHE A 314 1.22 -9.12 -0.30
CA PHE A 314 -0.13 -9.18 0.32
C PHE A 314 -0.34 -10.67 0.72
N GLU A 315 -0.50 -10.94 2.01
CA GLU A 315 -0.61 -12.34 2.48
C GLU A 315 -2.00 -12.90 2.17
N VAL A 316 -2.11 -14.21 2.01
CA VAL A 316 -3.47 -14.85 1.95
C VAL A 316 -4.20 -14.71 3.31
N PRO A 317 -5.54 -14.75 3.30
CA PRO A 317 -6.36 -14.78 4.52
C PRO A 317 -5.85 -15.88 5.45
N LYS A 318 -5.91 -15.61 6.74
CA LYS A 318 -5.40 -16.55 7.71
C LYS A 318 -6.12 -17.89 7.59
N GLU A 319 -7.42 -17.87 7.32
CA GLU A 319 -8.14 -19.14 7.09
C GLU A 319 -7.58 -19.99 5.96
N LEU A 320 -6.70 -19.45 5.12
CA LEU A 320 -6.16 -20.17 3.95
C LEU A 320 -4.64 -20.43 4.01
N ARG A 321 -4.01 -20.14 5.16
CA ARG A 321 -2.60 -20.53 5.44
C ARG A 321 -2.40 -22.03 5.26
N MET B 13 -10.92 -11.58 37.27
CA MET B 13 -10.49 -10.50 36.29
C MET B 13 -10.19 -11.04 34.90
N GLN B 14 -10.97 -10.58 33.92
CA GLN B 14 -10.85 -11.05 32.57
C GLN B 14 -9.88 -10.15 31.72
N ILE B 15 -9.02 -10.79 30.95
CA ILE B 15 -7.99 -10.05 30.17
C ILE B 15 -8.39 -10.12 28.68
N LEU B 16 -8.60 -8.96 28.04
CA LEU B 16 -8.91 -8.92 26.62
C LEU B 16 -7.76 -8.34 25.82
N LEU B 17 -7.47 -8.88 24.61
CA LEU B 17 -6.43 -8.36 23.70
C LEU B 17 -7.02 -7.73 22.47
N ALA B 18 -6.62 -6.50 22.22
CA ALA B 18 -7.07 -5.83 21.02
C ALA B 18 -6.49 -6.49 19.74
N ASN B 19 -7.24 -6.41 18.63
CA ASN B 19 -6.72 -6.87 17.33
C ASN B 19 -7.19 -5.96 16.21
N PRO B 20 -6.25 -5.38 15.42
CA PRO B 20 -4.79 -5.56 15.46
C PRO B 20 -4.09 -4.81 16.61
N ARG B 21 -2.93 -5.30 16.99
CA ARG B 21 -2.05 -4.61 17.93
C ARG B 21 -0.61 -4.90 17.50
N GLY B 22 0.39 -4.16 17.98
CA GLY B 22 1.74 -4.61 17.76
C GLY B 22 2.23 -4.32 16.36
N PHE B 23 3.27 -5.05 15.95
CA PHE B 23 4.12 -4.65 14.82
C PHE B 23 3.30 -4.43 13.56
N CYS B 24 3.62 -3.36 12.86
CA CYS B 24 3.13 -3.07 11.51
C CYS B 24 4.18 -3.56 10.51
N ALA B 25 3.86 -3.47 9.22
CA ALA B 25 4.73 -3.93 8.16
C ALA B 25 6.00 -3.03 8.10
N GLY B 26 5.85 -1.73 8.37
CA GLY B 26 7.04 -0.83 8.28
C GLY B 26 8.05 -1.16 9.36
N VAL B 27 7.51 -1.41 10.55
CA VAL B 27 8.39 -1.69 11.69
C VAL B 27 9.07 -3.05 11.48
N ASP B 28 8.32 -4.03 11.01
CA ASP B 28 8.90 -5.33 10.80
C ASP B 28 10.05 -5.26 9.81
N ARG B 29 9.82 -4.58 8.71
CA ARG B 29 10.90 -4.34 7.73
C ARG B 29 12.13 -3.61 8.32
N ALA B 30 11.90 -2.50 9.02
CA ALA B 30 13.02 -1.67 9.60
C ALA B 30 13.91 -2.47 10.55
N ILE B 31 13.28 -3.26 11.42
CA ILE B 31 14.05 -4.12 12.34
C ILE B 31 14.78 -5.19 11.54
N SER B 32 14.09 -5.81 10.58
CA SER B 32 14.82 -6.82 9.80
C SER B 32 16.03 -6.28 9.05
N ILE B 33 15.96 -5.02 8.64
CA ILE B 33 17.04 -4.39 7.88
C ILE B 33 18.22 -4.32 8.84
N VAL B 34 18.03 -3.84 10.05
CA VAL B 34 19.20 -3.74 11.00
C VAL B 34 19.73 -5.15 11.37
N GLU B 35 18.84 -6.07 11.70
CA GLU B 35 19.25 -7.47 12.02
C GLU B 35 20.05 -8.13 10.85
N ASN B 36 19.54 -8.03 9.61
CA ASN B 36 20.18 -8.67 8.45
C ASN B 36 21.52 -7.99 8.16
N ALA B 37 21.59 -6.66 8.38
CA ALA B 37 22.88 -5.98 8.19
C ALA B 37 23.95 -6.46 9.20
N LEU B 38 23.54 -6.69 10.42
CA LEU B 38 24.46 -7.18 11.45
C LEU B 38 24.92 -8.56 11.06
N ALA B 39 23.98 -9.36 10.55
CA ALA B 39 24.23 -10.74 10.17
C ALA B 39 25.12 -10.82 8.94
N ILE B 40 24.95 -9.93 7.98
CA ILE B 40 25.70 -10.05 6.74
C ILE B 40 27.07 -9.44 6.89
N TYR B 41 27.13 -8.29 7.57
CA TYR B 41 28.36 -7.54 7.76
C TYR B 41 29.07 -7.59 9.11
N GLY B 42 28.46 -8.17 10.12
CA GLY B 42 28.98 -8.04 11.50
C GLY B 42 28.81 -6.68 12.19
N ALA B 43 29.00 -6.66 13.50
CA ALA B 43 29.00 -5.40 14.27
C ALA B 43 30.31 -4.65 13.93
N PRO B 44 30.30 -3.30 14.02
CA PRO B 44 29.16 -2.42 14.30
C PRO B 44 28.34 -2.16 13.03
N ILE B 45 27.07 -1.78 13.20
CA ILE B 45 26.27 -1.18 12.15
C ILE B 45 25.75 0.10 12.76
N TYR B 46 25.85 1.23 12.06
CA TYR B 46 25.42 2.46 12.65
C TYR B 46 24.02 2.76 12.22
N VAL B 47 23.21 3.27 13.15
CA VAL B 47 21.79 3.59 12.81
C VAL B 47 21.50 5.02 13.23
N ARG B 48 21.00 5.79 12.29
CA ARG B 48 20.77 7.20 12.62
C ARG B 48 19.43 7.36 13.40
N HIS B 49 19.52 7.68 14.68
CA HIS B 49 18.40 7.72 15.58
C HIS B 49 17.79 6.32 15.85
N GLU B 50 16.95 6.21 16.87
CA GLU B 50 16.34 4.91 17.23
C GLU B 50 15.61 4.36 16.00
N VAL B 51 15.88 3.10 15.65
CA VAL B 51 15.35 2.60 14.37
C VAL B 51 13.78 2.68 14.35
N VAL B 52 13.19 2.33 15.50
CA VAL B 52 11.77 2.58 15.80
C VAL B 52 11.68 3.08 17.23
N HIS B 53 10.56 3.68 17.65
CA HIS B 53 10.50 4.19 19.02
C HIS B 53 10.03 3.10 20.00
N ASN B 54 10.88 2.11 20.21
CA ASN B 54 10.68 1.18 21.26
C ASN B 54 11.97 0.81 21.99
N ARG B 55 11.95 0.98 23.31
CA ARG B 55 13.13 0.82 24.12
C ARG B 55 13.62 -0.61 24.08
N TYR B 56 12.73 -1.58 24.21
CA TYR B 56 13.17 -2.97 24.14
C TYR B 56 13.84 -3.34 22.78
N VAL B 57 13.24 -2.93 21.65
CA VAL B 57 13.82 -3.16 20.34
C VAL B 57 15.22 -2.52 20.16
N VAL B 58 15.34 -1.26 20.55
CA VAL B 58 16.61 -0.51 20.45
C VAL B 58 17.68 -1.16 21.37
N ASP B 59 17.32 -1.42 22.62
CA ASP B 59 18.26 -2.12 23.57
C ASP B 59 18.71 -3.48 23.03
N SER B 60 17.78 -4.28 22.49
CA SER B 60 18.18 -5.55 21.89
C SER B 60 19.16 -5.42 20.74
N LEU B 61 18.98 -4.40 19.89
CA LEU B 61 19.85 -4.24 18.75
C LEU B 61 21.20 -3.68 19.23
N ARG B 62 21.22 -2.78 20.24
CA ARG B 62 22.47 -2.22 20.79
C ARG B 62 23.27 -3.38 21.37
N GLU B 63 22.58 -4.28 22.06
CA GLU B 63 23.25 -5.40 22.74
C GLU B 63 23.85 -6.34 21.67
N ARG B 64 23.23 -6.41 20.47
CA ARG B 64 23.84 -7.13 19.32
C ARG B 64 24.86 -6.34 18.45
N GLY B 65 25.11 -5.07 18.77
CA GLY B 65 26.25 -4.39 18.14
C GLY B 65 25.84 -3.22 17.22
N ALA B 66 24.52 -2.91 17.15
CA ALA B 66 24.05 -1.71 16.44
C ALA B 66 24.47 -0.52 17.27
N ILE B 67 24.93 0.56 16.65
CA ILE B 67 25.25 1.74 17.43
C ILE B 67 24.34 2.83 16.90
N PHE B 68 23.56 3.42 17.79
CA PHE B 68 22.56 4.45 17.45
C PHE B 68 23.15 5.78 17.67
N ILE B 69 23.21 6.63 16.62
CA ILE B 69 23.94 7.93 16.75
C ILE B 69 22.95 9.02 16.39
N GLU B 70 23.27 10.26 16.68
CA GLU B 70 22.34 11.34 16.46
C GLU B 70 22.67 12.02 15.16
N GLN B 71 23.96 12.20 14.88
CA GLN B 71 24.43 12.93 13.69
C GLN B 71 25.32 12.05 12.82
N ILE B 72 25.17 12.17 11.52
CA ILE B 72 26.00 11.38 10.60
C ILE B 72 27.51 11.64 10.80
N SER B 73 27.87 12.86 11.27
CA SER B 73 29.30 13.16 11.42
C SER B 73 29.93 12.25 12.50
N GLU B 74 29.10 11.62 13.33
CA GLU B 74 29.63 10.65 14.31
C GLU B 74 29.96 9.26 13.75
N VAL B 75 29.59 8.99 12.51
CA VAL B 75 29.84 7.66 11.88
C VAL B 75 31.19 7.72 11.13
N PRO B 76 32.09 6.74 11.38
CA PRO B 76 33.42 6.79 10.72
C PRO B 76 33.36 6.39 9.20
N ASP B 77 34.36 6.76 8.39
CA ASP B 77 34.41 6.34 6.98
C ASP B 77 34.46 4.82 6.90
N GLY B 78 33.86 4.28 5.87
CA GLY B 78 33.96 2.82 5.65
C GLY B 78 32.82 2.08 6.33
N ALA B 79 32.05 2.77 7.16
CA ALA B 79 30.93 2.14 7.85
C ALA B 79 29.66 1.85 6.98
N ILE B 80 28.76 1.03 7.58
CA ILE B 80 27.36 0.86 7.18
C ILE B 80 26.43 1.75 8.04
N LEU B 81 25.57 2.54 7.38
CA LEU B 81 24.62 3.43 8.09
C LEU B 81 23.20 3.09 7.67
N ILE B 82 22.29 3.02 8.62
CA ILE B 82 20.88 2.76 8.34
C ILE B 82 20.05 3.98 8.73
N PHE B 83 19.17 4.48 7.83
CA PHE B 83 18.21 5.54 8.23
C PHE B 83 17.07 4.88 8.95
N SER B 84 16.50 5.54 9.98
CA SER B 84 15.38 4.93 10.72
C SER B 84 14.04 4.91 9.92
N ALA B 85 13.07 4.21 10.49
CA ALA B 85 11.77 3.96 9.86
C ALA B 85 11.04 5.30 9.69
N HIS B 86 11.36 6.27 10.53
CA HIS B 86 10.66 7.59 10.53
C HIS B 86 10.99 8.47 9.32
N GLY B 87 12.09 8.14 8.63
CA GLY B 87 12.55 8.84 7.39
C GLY B 87 13.51 10.00 7.77
N VAL B 88 14.10 10.64 6.74
CA VAL B 88 15.12 11.66 6.91
C VAL B 88 14.90 12.74 5.87
N SER B 89 15.43 13.93 6.16
CA SER B 89 15.31 15.05 5.28
C SER B 89 16.23 14.82 4.05
N GLN B 90 16.02 15.61 3.00
CA GLN B 90 16.97 15.64 1.88
C GLN B 90 18.41 16.00 2.36
N ALA B 91 18.52 16.96 3.26
CA ALA B 91 19.84 17.40 3.75
C ALA B 91 20.64 16.23 4.37
N VAL B 92 19.97 15.42 5.17
CA VAL B 92 20.61 14.29 5.80
C VAL B 92 20.94 13.24 4.75
N ARG B 93 20.01 12.99 3.82
CA ARG B 93 20.27 12.00 2.81
C ARG B 93 21.49 12.48 1.99
N ASN B 94 21.50 13.76 1.60
CA ASN B 94 22.60 14.27 0.75
C ASN B 94 23.95 14.22 1.48
N GLU B 95 23.95 14.51 2.77
CA GLU B 95 25.16 14.41 3.56
C GLU B 95 25.75 12.98 3.58
N ALA B 96 24.87 11.97 3.72
CA ALA B 96 25.25 10.57 3.75
C ALA B 96 25.86 10.21 2.36
N LYS B 97 25.20 10.65 1.29
CA LYS B 97 25.65 10.39 -0.07
C LYS B 97 27.04 10.95 -0.33
N SER B 98 27.36 12.09 0.26
CA SER B 98 28.64 12.68 0.01
C SER B 98 29.74 11.97 0.82
N ARG B 99 29.36 11.27 1.90
CA ARG B 99 30.31 10.47 2.67
C ARG B 99 30.65 9.06 2.11
N ASP B 100 31.83 8.58 2.50
CA ASP B 100 32.30 7.23 2.14
C ASP B 100 31.60 6.23 3.09
N LEU B 101 30.30 6.02 2.83
CA LEU B 101 29.44 5.21 3.68
C LEU B 101 28.57 4.32 2.82
N THR B 102 28.32 3.12 3.27
CA THR B 102 27.25 2.32 2.72
C THR B 102 25.95 2.55 3.54
N VAL B 103 24.91 2.99 2.85
CA VAL B 103 23.66 3.40 3.42
C VAL B 103 22.56 2.42 3.01
N PHE B 104 21.79 1.98 4.00
CA PHE B 104 20.53 1.26 3.79
C PHE B 104 19.41 2.09 4.40
N ASP B 105 18.27 2.16 3.72
CA ASP B 105 17.22 3.12 4.10
C ASP B 105 16.04 2.35 4.73
N ALA B 106 15.84 2.41 6.02
CA ALA B 106 14.73 1.65 6.55
C ALA B 106 13.44 2.50 6.66
N THR B 107 13.40 3.66 6.02
CA THR B 107 12.25 4.55 6.11
C THR B 107 11.04 3.72 5.69
N CYS B 108 9.93 3.77 6.41
CA CYS B 108 8.76 2.98 5.95
C CYS B 108 8.23 3.45 4.54
N PRO B 109 7.87 2.53 3.65
CA PRO B 109 7.28 2.96 2.35
C PRO B 109 6.15 3.97 2.47
N LEU B 110 5.37 3.89 3.53
CA LEU B 110 4.20 4.77 3.68
C LEU B 110 4.57 6.21 4.08
N VAL B 111 5.74 6.33 4.69
CA VAL B 111 6.40 7.65 4.91
C VAL B 111 7.04 8.18 3.65
N THR B 112 7.80 7.34 2.96
CA THR B 112 8.31 7.72 1.62
C THR B 112 7.21 8.25 0.66
N LYS B 113 6.06 7.59 0.66
CA LYS B 113 4.94 8.04 -0.16
C LYS B 113 4.61 9.54 0.14
N VAL B 114 4.63 9.92 1.42
CA VAL B 114 4.26 11.32 1.74
C VAL B 114 5.42 12.19 1.27
N HIS B 115 6.64 11.70 1.44
CA HIS B 115 7.87 12.46 1.01
C HIS B 115 7.78 12.79 -0.45
N MET B 116 7.35 11.82 -1.28
CA MET B 116 7.27 12.03 -2.74
C MET B 116 6.29 13.18 -3.08
N GLU B 117 5.19 13.29 -2.34
CA GLU B 117 4.22 14.34 -2.62
C GLU B 117 4.73 15.71 -2.20
N VAL B 118 5.43 15.78 -1.09
CA VAL B 118 6.06 17.03 -0.70
C VAL B 118 7.12 17.49 -1.72
N ALA B 119 7.98 16.60 -2.17
CA ALA B 119 9.00 16.97 -3.22
C ALA B 119 8.30 17.43 -4.51
N ARG B 120 7.22 16.76 -4.88
CA ARG B 120 6.40 17.18 -6.01
C ARG B 120 5.83 18.60 -5.91
N ALA B 121 5.20 18.92 -4.78
CA ALA B 121 4.75 20.31 -4.50
C ALA B 121 5.91 21.33 -4.55
N SER B 122 7.05 20.92 -4.00
CA SER B 122 8.24 21.76 -3.94
C SER B 122 8.73 22.06 -5.36
N ARG B 123 8.73 21.04 -6.22
CA ARG B 123 9.15 21.19 -7.62
C ARG B 123 8.19 22.14 -8.36
N ARG B 124 6.89 22.12 -8.00
CA ARG B 124 5.85 22.99 -8.61
C ARG B 124 5.86 24.40 -7.98
N GLY B 125 6.63 24.59 -6.90
CA GLY B 125 6.62 25.87 -6.18
C GLY B 125 5.29 26.22 -5.50
N GLU B 126 4.43 25.23 -5.28
CA GLU B 126 3.16 25.43 -4.61
C GLU B 126 3.43 25.24 -3.13
N GLU B 127 2.80 26.07 -2.31
CA GLU B 127 2.96 25.90 -0.88
C GLU B 127 2.29 24.62 -0.36
N SER B 128 2.88 24.01 0.67
CA SER B 128 2.29 22.84 1.25
C SER B 128 2.18 23.01 2.76
N ILE B 129 1.17 22.40 3.36
CA ILE B 129 0.92 22.41 4.81
C ILE B 129 0.95 20.94 5.34
N LEU B 130 1.77 20.70 6.35
CA LEU B 130 1.80 19.39 6.97
C LEU B 130 1.03 19.41 8.30
N ILE B 131 0.16 18.42 8.51
CA ILE B 131 -0.46 18.29 9.85
C ILE B 131 0.42 17.33 10.60
N GLY B 132 0.95 17.75 11.75
CA GLY B 132 1.88 16.87 12.47
C GLY B 132 2.32 17.53 13.79
N HIS B 133 3.20 16.89 14.53
CA HIS B 133 3.60 17.38 15.87
C HIS B 133 5.03 17.88 15.77
N ALA B 134 5.25 19.15 16.11
CA ALA B 134 6.61 19.74 16.16
C ALA B 134 7.63 18.86 16.90
N GLY B 135 8.83 18.71 16.37
CA GLY B 135 9.84 17.96 17.08
C GLY B 135 9.94 16.52 16.68
N HIS B 136 8.85 15.95 16.11
CA HIS B 136 8.87 14.52 15.75
C HIS B 136 9.82 14.28 14.60
N PRO B 137 10.64 13.20 14.67
CA PRO B 137 11.54 12.98 13.53
C PRO B 137 10.81 12.78 12.17
N GLU B 138 9.62 12.18 12.14
CA GLU B 138 8.93 12.07 10.84
C GLU B 138 8.65 13.44 10.30
N VAL B 139 8.29 14.36 11.17
CA VAL B 139 7.93 15.73 10.72
C VAL B 139 9.19 16.43 10.11
N GLU B 140 10.32 16.27 10.79
CA GLU B 140 11.60 16.80 10.24
C GLU B 140 11.92 16.22 8.90
N GLY B 141 11.80 14.89 8.72
CA GLY B 141 12.09 14.26 7.40
C GLY B 141 11.16 14.74 6.29
N THR B 142 9.84 14.76 6.59
CA THR B 142 8.81 15.22 5.66
C THR B 142 8.93 16.70 5.32
N MET B 143 9.03 17.56 6.32
CA MET B 143 9.29 19.02 6.03
C MET B 143 10.58 19.20 5.29
N GLY B 144 11.55 18.32 5.58
CA GLY B 144 12.88 18.42 4.96
C GLY B 144 12.92 17.91 3.53
N GLN B 145 11.75 17.58 2.96
CA GLN B 145 11.64 17.26 1.52
C GLN B 145 11.35 18.53 0.71
N TYR B 146 11.06 19.62 1.40
CA TYR B 146 10.60 20.84 0.67
C TYR B 146 11.72 21.87 0.57
N SER B 147 12.06 22.30 -0.64
CA SER B 147 13.26 23.14 -0.76
C SER B 147 13.06 24.45 -1.53
N ASN B 148 11.97 24.54 -2.27
CA ASN B 148 11.77 25.70 -3.17
C ASN B 148 11.52 27.00 -2.37
N PRO B 149 12.50 27.93 -2.37
CA PRO B 149 12.32 29.22 -1.69
C PRO B 149 11.10 29.99 -2.18
N GLU B 150 10.66 29.74 -3.40
CA GLU B 150 9.52 30.47 -3.96
C GLU B 150 8.13 30.03 -3.48
N GLY B 151 8.04 28.84 -2.86
CA GLY B 151 6.82 28.39 -2.23
C GLY B 151 6.95 28.48 -0.72
N GLY B 152 6.59 27.41 -0.04
CA GLY B 152 6.61 27.44 1.40
C GLY B 152 6.11 26.11 1.95
N MET B 153 6.49 25.81 3.19
CA MET B 153 6.11 24.52 3.85
C MET B 153 5.80 24.85 5.27
N TYR B 154 4.55 24.66 5.66
CA TYR B 154 4.12 25.12 6.98
C TYR B 154 3.67 23.93 7.84
N LEU B 155 3.84 24.01 9.15
CA LEU B 155 3.38 22.91 10.01
C LEU B 155 2.16 23.37 10.77
N VAL B 156 1.06 22.59 10.79
CA VAL B 156 -0.04 22.92 11.69
C VAL B 156 -0.31 21.72 12.61
N GLU B 157 -0.67 21.95 13.89
CA GLU B 157 -0.98 20.86 14.82
C GLU B 157 -2.45 20.83 15.18
N SER B 158 -3.16 21.93 14.99
CA SER B 158 -4.51 22.03 15.52
C SER B 158 -5.34 22.99 14.65
N PRO B 159 -6.68 23.02 14.84
CA PRO B 159 -7.47 24.05 14.14
C PRO B 159 -6.96 25.48 14.40
N ASP B 160 -6.51 25.77 15.62
CA ASP B 160 -6.10 27.13 15.99
C ASP B 160 -4.90 27.54 15.17
N ASP B 161 -3.93 26.61 15.02
CA ASP B 161 -2.85 26.84 14.07
C ASP B 161 -3.36 27.15 12.66
N VAL B 162 -4.44 26.49 12.18
CA VAL B 162 -4.91 26.76 10.83
C VAL B 162 -5.48 28.18 10.78
N TRP B 163 -6.14 28.59 11.85
CA TRP B 163 -6.85 29.89 11.89
C TRP B 163 -5.89 31.03 11.93
N LYS B 164 -4.66 30.78 12.40
CA LYS B 164 -3.64 31.82 12.41
C LYS B 164 -2.58 31.78 11.27
N LEU B 165 -2.61 30.76 10.41
CA LEU B 165 -1.63 30.62 9.36
C LEU B 165 -1.84 31.69 8.28
N THR B 166 -0.73 32.24 7.78
CA THR B 166 -0.68 33.04 6.55
C THR B 166 0.17 32.37 5.48
N VAL B 167 -0.34 32.41 4.28
CA VAL B 167 0.20 31.67 3.17
C VAL B 167 0.36 32.72 2.05
N LYS B 168 1.30 32.54 1.13
CA LYS B 168 1.49 33.50 0.03
C LYS B 168 0.46 33.39 -1.09
N ASN B 169 0.02 32.18 -1.42
CA ASN B 169 -0.97 32.05 -2.46
C ASN B 169 -1.96 30.91 -2.21
N GLU B 170 -3.10 31.28 -1.66
CA GLU B 170 -4.14 30.32 -1.19
C GLU B 170 -4.73 29.55 -2.33
N GLU B 171 -4.43 29.97 -3.56
CA GLU B 171 -4.97 29.32 -4.76
C GLU B 171 -4.27 28.01 -5.12
N LYS B 172 -3.00 27.93 -4.71
CA LYS B 172 -2.11 26.83 -5.05
C LYS B 172 -1.56 26.27 -3.73
N LEU B 173 -2.29 25.32 -3.17
CA LEU B 173 -2.05 24.89 -1.78
C LEU B 173 -2.41 23.45 -1.68
N SER B 174 -1.55 22.67 -1.04
CA SER B 174 -1.85 21.28 -0.81
C SER B 174 -1.51 20.94 0.66
N PHE B 175 -2.15 19.91 1.21
CA PHE B 175 -1.75 19.46 2.54
C PHE B 175 -1.33 17.98 2.53
N MET B 176 -0.55 17.62 3.56
CA MET B 176 -0.06 16.23 3.81
C MET B 176 -0.18 15.98 5.33
N THR B 177 -0.02 14.74 5.79
CA THR B 177 -0.15 14.47 7.23
C THR B 177 0.94 13.47 7.69
N GLN B 178 1.31 13.62 8.98
CA GLN B 178 2.05 12.60 9.63
C GLN B 178 1.26 11.29 9.62
N THR B 179 1.99 10.18 9.65
CA THR B 179 1.34 8.85 9.44
C THR B 179 0.69 8.25 10.73
N THR B 180 0.99 8.78 11.93
CA THR B 180 0.64 8.06 13.19
C THR B 180 -0.23 8.94 14.06
N LEU B 181 -0.97 9.87 13.43
CA LEU B 181 -1.79 10.81 14.15
C LEU B 181 -3.12 10.19 14.62
N SER B 182 -3.73 10.80 15.65
CA SER B 182 -5.17 10.58 15.90
C SER B 182 -6.04 10.80 14.64
N VAL B 183 -6.81 9.77 14.24
CA VAL B 183 -7.69 9.90 13.09
C VAL B 183 -8.71 11.02 13.37
N ASP B 184 -9.31 10.99 14.55
CA ASP B 184 -10.34 11.99 14.93
C ASP B 184 -9.82 13.43 14.96
N ASP B 185 -8.69 13.68 15.64
CA ASP B 185 -8.14 15.04 15.67
C ASP B 185 -7.70 15.57 14.29
N THR B 186 -7.16 14.69 13.46
CA THR B 186 -6.69 15.10 12.12
C THR B 186 -7.89 15.54 11.28
N SER B 187 -8.96 14.77 11.40
CA SER B 187 -10.24 15.08 10.76
C SER B 187 -10.66 16.52 11.15
N ASP B 188 -10.58 16.87 12.43
CA ASP B 188 -10.87 18.26 12.83
C ASP B 188 -9.94 19.30 12.14
N VAL B 189 -8.65 18.98 12.00
CA VAL B 189 -7.69 19.98 11.45
C VAL B 189 -7.97 20.11 9.94
N ILE B 190 -8.23 18.98 9.31
CA ILE B 190 -8.54 19.06 7.88
C ILE B 190 -9.85 19.90 7.65
N ASP B 191 -10.89 19.66 8.44
CA ASP B 191 -12.15 20.48 8.35
C ASP B 191 -11.84 21.96 8.46
N ALA B 192 -10.98 22.35 9.40
CA ALA B 192 -10.54 23.73 9.54
C ALA B 192 -9.81 24.16 8.29
N LEU B 193 -8.94 23.31 7.76
CA LEU B 193 -8.15 23.70 6.56
C LEU B 193 -9.02 24.02 5.36
N ARG B 194 -10.04 23.19 5.18
CA ARG B 194 -10.93 23.35 4.04
C ARG B 194 -11.83 24.56 4.16
N LYS B 195 -12.23 24.90 5.38
CA LYS B 195 -13.05 26.10 5.60
C LYS B 195 -12.22 27.37 5.41
N ARG B 196 -10.94 27.31 5.83
CA ARG B 196 -10.04 28.48 5.74
C ARG B 196 -9.47 28.65 4.31
N PHE B 197 -9.19 27.51 3.66
CA PHE B 197 -8.55 27.48 2.33
C PHE B 197 -9.33 26.59 1.36
N PRO B 198 -10.47 27.08 0.80
CA PRO B 198 -11.38 26.27 0.02
C PRO B 198 -10.72 25.61 -1.18
N LYS B 199 -9.63 26.16 -1.70
CA LYS B 199 -9.01 25.54 -2.92
C LYS B 199 -7.89 24.56 -2.58
N ILE B 200 -7.64 24.33 -1.29
CA ILE B 200 -6.60 23.37 -0.86
C ILE B 200 -6.86 21.97 -1.38
N VAL B 201 -5.79 21.36 -1.81
CA VAL B 201 -5.92 20.02 -2.31
C VAL B 201 -5.19 19.03 -1.39
N GLY B 202 -5.71 17.83 -1.33
CA GLY B 202 -5.05 16.79 -0.50
C GLY B 202 -5.42 15.42 -0.96
N PRO B 203 -5.06 14.40 -0.17
CA PRO B 203 -5.50 13.00 -0.48
C PRO B 203 -7.00 12.84 -0.22
N ARG B 204 -7.64 11.71 -0.55
CA ARG B 204 -9.08 11.64 -0.28
C ARG B 204 -9.41 11.94 1.22
N LYS B 205 -8.55 11.46 2.16
CA LYS B 205 -8.86 11.61 3.64
C LYS B 205 -7.63 12.20 4.36
N ASP B 206 -6.55 11.41 4.50
CA ASP B 206 -5.35 11.96 5.05
C ASP B 206 -4.19 11.01 4.70
N ASP B 207 -3.04 11.19 5.33
CA ASP B 207 -1.92 10.26 5.10
C ASP B 207 -1.68 9.34 6.31
N ILE B 208 -2.61 9.28 7.24
CA ILE B 208 -2.43 8.34 8.41
C ILE B 208 -2.40 6.90 7.84
N CYS B 209 -1.44 6.07 8.26
CA CYS B 209 -1.33 4.80 7.61
C CYS B 209 -2.41 3.77 8.07
N TYR B 210 -2.50 2.68 7.30
CA TYR B 210 -3.53 1.59 7.59
C TYR B 210 -3.29 1.11 9.06
N ALA B 211 -2.03 1.05 9.48
CA ALA B 211 -1.71 0.42 10.79
C ALA B 211 -2.21 1.29 11.90
N THR B 212 -2.04 2.61 11.72
CA THR B 212 -2.48 3.58 12.75
C THR B 212 -4.01 3.55 12.87
N THR B 213 -4.65 3.62 11.73
CA THR B 213 -6.12 3.63 11.69
C THR B 213 -6.61 2.35 12.33
N ASN B 214 -6.08 1.21 11.91
CA ASN B 214 -6.58 -0.07 12.46
C ASN B 214 -6.33 -0.18 13.93
N ARG B 215 -5.18 0.31 14.43
CA ARG B 215 -4.96 0.08 15.88
C ARG B 215 -5.86 1.04 16.76
N GLN B 216 -6.18 2.22 16.26
CA GLN B 216 -7.15 3.06 16.92
C GLN B 216 -8.59 2.44 16.88
N GLU B 217 -8.97 1.96 15.74
CA GLU B 217 -10.24 1.29 15.64
C GLU B 217 -10.32 0.08 16.64
N ALA B 218 -9.20 -0.67 16.72
CA ALA B 218 -9.13 -1.80 17.62
C ALA B 218 -9.16 -1.38 19.09
N VAL B 219 -8.53 -0.27 19.43
CA VAL B 219 -8.53 0.08 20.80
C VAL B 219 -9.88 0.73 21.18
N ARG B 220 -10.61 1.29 20.20
CA ARG B 220 -11.98 1.71 20.45
C ARG B 220 -12.91 0.52 20.84
N ALA B 221 -12.83 -0.53 20.03
CA ALA B 221 -13.55 -1.77 20.35
C ALA B 221 -13.13 -2.32 21.74
N LEU B 222 -11.83 -2.22 22.08
CA LEU B 222 -11.30 -2.78 23.34
C LEU B 222 -11.88 -2.00 24.52
N ALA B 223 -11.84 -0.69 24.36
CA ALA B 223 -12.19 0.22 25.48
C ALA B 223 -13.66 0.15 25.79
N GLU B 224 -14.49 -0.24 24.83
CA GLU B 224 -15.92 -0.39 25.13
C GLU B 224 -16.10 -1.43 26.21
N GLN B 225 -15.29 -2.46 26.20
CA GLN B 225 -15.44 -3.52 27.14
C GLN B 225 -14.60 -3.38 28.41
N ALA B 226 -13.41 -2.80 28.30
CA ALA B 226 -12.45 -2.87 29.37
C ALA B 226 -12.58 -1.68 30.30
N GLU B 227 -12.41 -1.89 31.61
CA GLU B 227 -12.38 -0.74 32.53
C GLU B 227 -11.04 -0.07 32.46
N VAL B 228 -9.97 -0.86 32.25
CA VAL B 228 -8.58 -0.37 32.27
C VAL B 228 -7.94 -0.84 30.96
N VAL B 229 -7.18 0.03 30.32
CA VAL B 229 -6.47 -0.35 29.06
C VAL B 229 -4.99 -0.11 29.26
N LEU B 230 -4.16 -1.12 29.05
CA LEU B 230 -2.71 -0.98 29.12
C LEU B 230 -2.25 -0.96 27.69
N VAL B 231 -1.41 0.02 27.36
CA VAL B 231 -0.86 0.12 25.98
C VAL B 231 0.60 -0.12 26.07
N VAL B 232 1.05 -1.19 25.47
CA VAL B 232 2.47 -1.48 25.52
C VAL B 232 3.12 -0.59 24.45
N GLY B 233 4.09 0.20 24.89
CA GLY B 233 4.80 1.11 23.99
C GLY B 233 5.66 2.08 24.82
N SER B 234 6.62 2.73 24.16
CA SER B 234 7.58 3.65 24.78
C SER B 234 7.03 5.06 24.80
N LYS B 235 7.45 5.89 25.78
CA LYS B 235 6.93 7.27 25.84
C LYS B 235 7.14 8.07 24.59
N ASN B 236 8.17 7.81 23.81
CA ASN B 236 8.39 8.62 22.61
C ASN B 236 7.74 8.00 21.38
N SER B 237 6.86 7.03 21.59
CA SER B 237 6.15 6.46 20.38
C SER B 237 4.85 7.24 20.16
N SER B 238 4.81 8.07 19.14
CA SER B 238 3.64 8.89 18.86
C SER B 238 2.33 7.97 18.72
N ASN B 239 2.46 6.90 17.91
CA ASN B 239 1.23 6.04 17.63
C ASN B 239 0.77 5.36 18.92
N SER B 240 1.71 4.99 19.80
CA SER B 240 1.35 4.43 21.12
C SER B 240 0.60 5.42 21.97
N ASN B 241 1.09 6.66 22.01
CA ASN B 241 0.41 7.68 22.83
C ASN B 241 -1.04 7.87 22.32
N ARG B 242 -1.24 7.79 21.02
CA ARG B 242 -2.57 8.04 20.47
C ARG B 242 -3.52 6.96 21.03
N LEU B 243 -3.06 5.70 21.05
CA LEU B 243 -3.94 4.60 21.57
C LEU B 243 -4.26 4.85 23.04
N ALA B 244 -3.28 5.18 23.86
CA ALA B 244 -3.57 5.51 25.31
C ALA B 244 -4.62 6.64 25.45
N GLU B 245 -4.39 7.74 24.69
CA GLU B 245 -5.34 8.89 24.77
C GLU B 245 -6.72 8.52 24.29
N LEU B 246 -6.83 7.72 23.24
CA LEU B 246 -8.14 7.35 22.73
C LEU B 246 -8.97 6.69 23.85
N ALA B 247 -8.41 5.62 24.43
CA ALA B 247 -9.00 4.93 25.61
C ALA B 247 -9.46 5.86 26.73
N GLN B 248 -8.55 6.71 27.16
CA GLN B 248 -8.78 7.77 28.12
C GLN B 248 -9.95 8.66 27.71
N ARG B 249 -9.98 9.10 26.45
CA ARG B 249 -11.07 9.97 26.04
C ARG B 249 -12.43 9.27 26.16
N MET B 250 -12.44 7.92 26.02
CA MET B 250 -13.66 7.11 26.20
C MET B 250 -14.00 6.82 27.66
N GLY B 251 -13.24 7.43 28.56
CA GLY B 251 -13.58 7.34 29.97
C GLY B 251 -12.95 6.17 30.71
N LYS B 252 -11.97 5.49 30.09
CA LYS B 252 -11.32 4.33 30.73
C LYS B 252 -9.98 4.74 31.29
N ARG B 253 -9.53 4.07 32.35
CA ARG B 253 -8.19 4.33 32.84
C ARG B 253 -7.18 3.72 31.88
N ALA B 254 -6.22 4.49 31.40
CA ALA B 254 -5.31 3.99 30.36
C ALA B 254 -3.86 4.22 30.82
N PHE B 255 -2.95 3.27 30.59
CA PHE B 255 -1.56 3.43 30.96
C PHE B 255 -0.66 3.03 29.80
N LEU B 256 0.33 3.88 29.48
CA LEU B 256 1.31 3.58 28.43
C LEU B 256 2.45 2.90 29.19
N ILE B 257 2.81 1.67 28.88
CA ILE B 257 3.83 0.97 29.72
C ILE B 257 4.89 0.33 28.78
N ASP B 258 6.14 0.37 29.21
CA ASP B 258 7.16 -0.25 28.38
C ASP B 258 7.14 -1.71 28.50
N ASP B 259 6.90 -2.21 29.70
CA ASP B 259 6.88 -3.66 29.92
C ASP B 259 6.13 -4.06 31.19
N ALA B 260 6.01 -5.36 31.42
CA ALA B 260 5.25 -5.88 32.56
C ALA B 260 5.69 -5.30 33.93
N LYS B 261 6.99 -5.03 34.10
CA LYS B 261 7.48 -4.44 35.33
C LYS B 261 6.92 -3.09 35.66
N ASP B 262 6.37 -2.32 34.69
CA ASP B 262 5.77 -1.02 35.04
C ASP B 262 4.40 -1.08 35.67
N ILE B 263 3.69 -2.19 35.51
CA ILE B 263 2.35 -2.40 36.05
C ILE B 263 2.39 -2.33 37.59
N GLN B 264 1.49 -1.53 38.13
CA GLN B 264 1.32 -1.34 39.56
C GLN B 264 0.08 -2.08 39.92
N GLU B 265 0.11 -2.84 41.03
CA GLU B 265 -1.10 -3.57 41.46
C GLU B 265 -2.33 -2.71 41.64
N GLU B 266 -2.13 -1.54 42.27
CA GLU B 266 -3.19 -0.54 42.48
C GLU B 266 -3.99 -0.27 41.18
N TRP B 267 -3.32 -0.36 40.00
CA TRP B 267 -3.98 -0.10 38.71
C TRP B 267 -5.08 -1.04 38.38
N VAL B 268 -4.93 -2.27 38.80
CA VAL B 268 -5.83 -3.39 38.47
C VAL B 268 -6.54 -4.01 39.71
N LYS B 269 -6.19 -3.55 40.91
CA LYS B 269 -6.91 -3.90 42.16
C LYS B 269 -8.45 -3.73 42.02
N GLU B 270 -9.18 -4.86 42.03
CA GLU B 270 -10.66 -4.89 41.93
C GLU B 270 -11.26 -4.51 40.58
N VAL B 271 -10.47 -4.59 39.52
CA VAL B 271 -10.94 -4.40 38.16
C VAL B 271 -11.50 -5.73 37.61
N LYS B 272 -12.59 -5.70 36.85
CA LYS B 272 -13.17 -6.97 36.38
C LYS B 272 -12.77 -7.30 34.96
N CYS B 273 -12.41 -6.26 34.20
CA CYS B 273 -11.99 -6.45 32.83
C CYS B 273 -10.87 -5.45 32.50
N VAL B 274 -9.75 -6.00 32.05
CA VAL B 274 -8.54 -5.20 31.64
C VAL B 274 -8.24 -5.55 30.21
N GLY B 275 -7.92 -4.53 29.38
CA GLY B 275 -7.66 -4.69 27.96
C GLY B 275 -6.19 -4.39 27.77
N VAL B 276 -5.55 -5.06 26.82
CA VAL B 276 -4.10 -4.81 26.60
C VAL B 276 -3.97 -4.65 25.08
N THR B 277 -3.29 -3.62 24.67
CA THR B 277 -2.92 -3.52 23.26
C THR B 277 -1.43 -3.15 23.17
N ALA B 278 -0.93 -2.89 21.98
CA ALA B 278 0.46 -2.57 21.79
C ALA B 278 0.54 -1.65 20.59
N GLY B 279 1.44 -0.67 20.66
CA GLY B 279 1.70 0.22 19.52
C GLY B 279 2.49 -0.51 18.40
N ALA B 280 2.62 0.14 17.24
CA ALA B 280 3.14 -0.49 16.05
C ALA B 280 4.59 -0.89 16.18
N SER B 281 5.29 -0.33 17.18
CA SER B 281 6.71 -0.65 17.34
C SER B 281 7.01 -1.62 18.55
N ALA B 282 5.96 -2.18 19.16
CA ALA B 282 6.14 -3.02 20.40
C ALA B 282 6.13 -4.54 20.07
N PRO B 283 7.20 -5.29 20.38
CA PRO B 283 7.24 -6.74 20.10
C PRO B 283 6.18 -7.51 20.87
N ASP B 284 5.66 -8.57 20.24
CA ASP B 284 4.69 -9.47 20.88
C ASP B 284 5.15 -10.09 22.25
N ILE B 285 6.44 -10.38 22.37
CA ILE B 285 6.91 -10.97 23.63
C ILE B 285 6.57 -10.06 24.83
N LEU B 286 6.64 -8.73 24.62
CA LEU B 286 6.23 -7.81 25.68
C LEU B 286 4.78 -7.98 26.09
N VAL B 287 3.88 -8.12 25.12
CA VAL B 287 2.50 -8.30 25.43
C VAL B 287 2.36 -9.65 26.20
N GLN B 288 3.12 -10.65 25.78
CA GLN B 288 3.02 -11.99 26.45
C GLN B 288 3.38 -11.92 27.89
N ASN B 289 4.46 -11.19 28.19
CA ASN B 289 4.92 -10.93 29.54
C ASN B 289 3.96 -10.04 30.36
N VAL B 290 3.24 -9.11 29.71
CA VAL B 290 2.21 -8.32 30.41
C VAL B 290 1.06 -9.20 30.84
N VAL B 291 0.67 -10.09 29.94
CA VAL B 291 -0.42 -10.96 30.24
C VAL B 291 -0.02 -11.86 31.42
N ALA B 292 1.23 -12.34 31.42
CA ALA B 292 1.65 -13.23 32.48
C ALA B 292 1.65 -12.48 33.82
N ARG B 293 2.12 -11.23 33.80
CA ARG B 293 2.02 -10.37 34.98
C ARG B 293 0.56 -10.18 35.45
N LEU B 294 -0.33 -9.83 34.54
CA LEU B 294 -1.80 -9.71 34.87
C LEU B 294 -2.38 -11.01 35.48
N GLN B 295 -1.87 -12.13 35.00
CA GLN B 295 -2.34 -13.40 35.55
C GLN B 295 -1.82 -13.59 36.96
N GLN B 296 -0.59 -13.21 37.26
CA GLN B 296 -0.11 -13.17 38.68
C GLN B 296 -0.96 -12.28 39.59
N LEU B 297 -1.84 -11.49 39.00
CA LEU B 297 -2.55 -10.46 39.72
C LEU B 297 -4.01 -10.86 39.61
N GLY B 298 -4.22 -12.09 39.18
CA GLY B 298 -5.53 -12.72 39.21
C GLY B 298 -6.23 -12.88 37.89
N GLY B 299 -5.58 -12.52 36.80
CA GLY B 299 -6.29 -12.50 35.54
C GLY B 299 -6.56 -13.90 35.02
N GLY B 300 -7.62 -14.02 34.22
CA GLY B 300 -7.90 -15.29 33.54
C GLY B 300 -7.08 -15.58 32.31
N GLU B 301 -7.58 -16.48 31.46
CA GLU B 301 -7.01 -16.66 30.12
C GLU B 301 -7.16 -15.35 29.33
N ALA B 302 -6.15 -14.95 28.56
CA ALA B 302 -6.27 -13.74 27.73
C ALA B 302 -7.23 -14.06 26.61
N ILE B 303 -8.25 -13.23 26.38
CA ILE B 303 -9.13 -13.45 25.25
C ILE B 303 -8.84 -12.41 24.13
N PRO B 304 -8.46 -12.88 22.92
CA PRO B 304 -8.24 -12.02 21.76
C PRO B 304 -9.58 -11.59 21.15
N LEU B 305 -9.74 -10.29 20.94
CA LEU B 305 -10.91 -9.82 20.25
C LEU B 305 -10.83 -10.08 18.75
N GLU B 306 -11.99 -10.25 18.11
CA GLU B 306 -12.01 -10.39 16.69
C GLU B 306 -11.67 -9.00 16.10
N GLY B 307 -11.01 -8.94 14.96
CA GLY B 307 -10.59 -7.65 14.41
C GLY B 307 -10.27 -7.66 12.94
N ARG B 308 -10.04 -6.48 12.37
CA ARG B 308 -9.73 -6.36 10.95
C ARG B 308 -8.38 -7.06 10.67
N GLU B 309 -8.33 -7.87 9.63
CA GLU B 309 -7.10 -8.56 9.26
C GLU B 309 -6.14 -7.57 8.59
N GLU B 310 -4.84 -7.78 8.70
CA GLU B 310 -3.85 -6.95 7.99
C GLU B 310 -3.09 -7.99 7.12
N ASN B 311 -2.84 -7.68 5.88
CA ASN B 311 -2.19 -8.66 5.04
C ASN B 311 -0.96 -8.06 4.41
N ILE B 312 -0.56 -6.84 4.80
CA ILE B 312 0.52 -6.18 4.07
C ILE B 312 1.88 -6.51 4.66
N VAL B 313 2.82 -6.89 3.80
CA VAL B 313 4.22 -7.15 4.18
C VAL B 313 5.11 -6.25 3.28
N PHE B 314 6.16 -5.62 3.86
CA PHE B 314 7.16 -4.92 3.06
C PHE B 314 8.51 -5.66 3.14
N GLU B 315 9.08 -6.08 2.02
CA GLU B 315 10.30 -6.93 2.08
C GLU B 315 11.53 -6.07 2.28
N VAL B 316 12.54 -6.62 2.92
CA VAL B 316 13.86 -5.92 3.00
C VAL B 316 14.46 -5.75 1.58
N PRO B 317 15.30 -4.73 1.36
CA PRO B 317 16.08 -4.57 0.10
C PRO B 317 16.72 -5.92 -0.33
N LYS B 318 16.77 -6.21 -1.62
CA LYS B 318 17.35 -7.48 -2.08
C LYS B 318 18.78 -7.63 -1.51
N GLU B 319 19.55 -6.54 -1.51
CA GLU B 319 20.92 -6.48 -0.95
C GLU B 319 21.05 -7.11 0.42
N LEU B 320 19.94 -7.12 1.17
CA LEU B 320 19.98 -7.47 2.57
C LEU B 320 19.30 -8.81 2.91
N ARG B 321 18.94 -9.62 1.90
CA ARG B 321 18.34 -10.96 2.15
C ARG B 321 19.28 -11.92 2.87
N VAL B 322 18.79 -12.60 3.91
CA VAL B 322 19.59 -13.62 4.63
C VAL B 322 19.03 -15.02 4.34
FE1 SF4 C . -4.27 -5.35 -10.32
FE2 SF4 C . -2.22 -3.79 -9.34
FE3 SF4 C . -3.50 -5.45 -7.61
FE4 SF4 C . -1.74 -6.39 -9.47
S1 SF4 C . -1.25 -5.02 -7.68
S2 SF4 C . -3.80 -7.25 -9.04
S3 SF4 C . -2.07 -5.00 -11.23
S4 SF4 C . -4.41 -3.73 -8.72
O20 0O3 D . -4.79 -6.02 -16.33
P17 0O3 D . -6.05 -6.68 -15.92
O19 0O3 D . -6.86 -7.24 -17.12
O18 0O3 D . -6.98 -5.64 -15.21
O16 0O3 D . -5.90 -7.85 -14.91
P13 0O3 D . -4.79 -9.09 -14.84
O15 0O3 D . -3.82 -9.27 -16.12
O14 0O3 D . -5.60 -10.31 -14.31
O29 0O3 D . -3.72 -8.88 -13.64
C28 0O3 D . -3.39 -7.76 -12.85
C27 0O3 D . -4.76 -7.11 -12.58
C30 0O3 D . -5.53 -7.80 -11.52
C1 0O3 D . -5.22 -9.14 -11.31
C13 0O3 D . -6.47 -6.81 -10.81
O3 0O3 D . -5.91 -5.37 -11.08
FE1 SF4 E . 4.82 4.15 10.53
FE2 SF4 E . 2.50 3.07 9.56
FE3 SF4 E . 4.89 2.52 8.32
FE4 SF4 E . 4.21 1.38 10.70
S1 SF4 E . 3.15 1.05 8.66
S2 SF4 E . 6.19 2.34 10.19
S3 SF4 E . 3.06 2.99 11.75
S4 SF4 E . 3.88 4.55 8.54
O20 0O3 F . 6.56 7.71 17.04
P17 0O3 F . 5.89 6.91 15.93
O19 0O3 F . 4.51 6.42 16.35
O18 0O3 F . 5.92 7.86 14.66
O16 0O3 F . 6.94 5.85 15.48
P13 0O3 F . 7.29 4.35 16.07
O15 0O3 F . 8.73 4.03 15.85
O14 0O3 F . 6.71 3.94 17.46
O29 0O3 F . 6.53 3.25 15.15
C28 0O3 F . 5.88 3.23 13.91
C27 0O3 F . 5.99 4.57 13.19
C30 0O3 F . 7.24 4.54 12.37
C1 0O3 F . 8.27 3.76 12.77
C13 0O3 F . 7.14 5.38 11.11
O3 0O3 F . 5.69 5.74 10.93
#